data_3WTY
#
_entry.id   3WTY
#
_cell.length_a   78.799
_cell.length_b   102.504
_cell.length_c   194.766
_cell.angle_alpha   90.00
_cell.angle_beta   90.00
_cell.angle_gamma   90.00
#
_symmetry.space_group_name_H-M   'P 21 21 21'
#
loop_
_entity.id
_entity.type
_entity.pdbx_description
1 polymer 'Runt-related transcription factor 1'
2 polymer 'Core-binding factor subunit beta'
3 polymer 'Protein C-ets-1'
4 polymer "DNA (5'-D(*GP*AP*AP*GP*CP*CP*AP*CP*AP*TP*CP*CP*TP*CP*T)-3')"
5 polymer "DNA (5'-D(*AP*GP*AP*GP*GP*AP*TP*GP*TP*GP*GP*CP*TP*TP*C)-3')"
6 water water
#
loop_
_entity_poly.entity_id
_entity_poly.type
_entity_poly.pdbx_seq_one_letter_code
_entity_poly.pdbx_strand_id
1 'polypeptide(L)'
;GELVRTDSPNFLCSVLPTHWRCNKTLPIAFKVVAKGDVPDGTLVTVMAGNDENYSAELRNATAAMKNQVARFNDLRFVGR
SGRGKSFTLTITVFTNPPQVATYHRAIKITVDGPREPRRHRQKLDDQTKPGSLSFSERLSELEQLRRTAMRVSPHHPAPT
PNPRASLNHSTAFNPQPQSQMQDARQIQPSPPWSYDQSYQYLGS
;
A,F
2 'polypeptide(L)'
;MPRVVPDQRSKFENEEFFRKLSRECEIKYTGFRDRPHEERQTRFQNACRDGRSEIAFVATGTNLSLQFFPASWQGEQRQT
PSREYVDLEREAGKVYLKAPMILNGVCVIWKGWIDLHRLDGMGCLEFDEERAQQEDALAQQA
;
B,G
3 'polypeptide(L)'
;SLQRVPSYDSFDSEDYPAALPNHKPKGTFKDYVRDRADLNKDKPVIPAAALAGYTGSPPIQLWQFLLELLTDKSCQSFIS
WTGDGWEFKLSDPDEVARRWGKRKNKPKMNYEKLSRGLRYYYDKNIIHKTAGKRYVYRFVCDLQSLLGYTPEELHAMLDV
KPDADE
;
C,H
4 'polydeoxyribonucleotide' (DG)(DA)(DA)(DG)(DC)(DC)(DA)(DC)(DA)(DT)(DC)(DC)(DT)(DC)(DT) D,I
5 'polydeoxyribonucleotide' (DA)(DG)(DA)(DG)(DG)(DA)(DT)(DG)(DT)(DG)(DG)(DC)(DT)(DT)(DC) E,J
#
loop_
_chem_comp.id
_chem_comp.type
_chem_comp.name
_chem_comp.formula
DA DNA linking 2'-DEOXYADENOSINE-5'-MONOPHOSPHATE 'C10 H14 N5 O6 P'
DC DNA linking 2'-DEOXYCYTIDINE-5'-MONOPHOSPHATE 'C9 H14 N3 O7 P'
DG DNA linking 2'-DEOXYGUANOSINE-5'-MONOPHOSPHATE 'C10 H14 N5 O7 P'
DT DNA linking THYMIDINE-5'-MONOPHOSPHATE 'C10 H15 N2 O8 P'
#
# COMPACT_ATOMS: atom_id res chain seq x y z
N GLY A 1 -21.28 4.37 21.61
CA GLY A 1 -20.01 4.53 20.78
C GLY A 1 -20.18 5.26 19.45
N GLU A 2 -19.08 5.36 18.71
CA GLU A 2 -19.10 6.03 17.42
C GLU A 2 -19.53 5.08 16.32
N LEU A 3 -20.65 5.39 15.67
CA LEU A 3 -21.19 4.56 14.60
C LEU A 3 -20.59 4.94 13.25
N VAL A 4 -21.07 4.35 12.18
CA VAL A 4 -20.54 4.67 10.86
C VAL A 4 -21.47 4.09 9.82
N ARG A 5 -21.76 4.85 8.77
CA ARG A 5 -22.68 4.39 7.75
C ARG A 5 -22.23 3.12 7.05
N THR A 6 -23.21 2.30 6.65
CA THR A 6 -22.96 1.05 5.94
C THR A 6 -23.40 1.21 4.49
N ASP A 7 -23.40 0.13 3.72
CA ASP A 7 -23.80 0.23 2.31
C ASP A 7 -25.31 0.26 2.12
N SER A 8 -26.05 0.30 3.23
CA SER A 8 -27.50 0.35 3.17
C SER A 8 -27.94 1.63 3.90
N PRO A 9 -28.93 2.34 3.33
CA PRO A 9 -29.45 3.58 3.91
C PRO A 9 -30.25 3.39 5.20
N ASN A 10 -30.50 2.15 5.57
CA ASN A 10 -31.27 1.90 6.77
C ASN A 10 -30.47 1.36 7.96
N PHE A 11 -29.18 1.10 7.75
CA PHE A 11 -28.35 0.56 8.82
C PHE A 11 -26.97 1.16 9.02
N LEU A 12 -26.59 1.24 10.29
CA LEU A 12 -25.31 1.73 10.73
C LEU A 12 -24.68 0.63 11.63
N CYS A 13 -23.36 0.67 11.79
CA CYS A 13 -22.65 -0.29 12.65
C CYS A 13 -21.47 0.33 13.38
N SER A 14 -21.11 -0.22 14.54
CA SER A 14 -20.01 0.32 15.29
C SER A 14 -18.72 0.15 14.48
N VAL A 15 -17.65 0.76 15.00
CA VAL A 15 -16.37 0.72 14.32
C VAL A 15 -15.51 -0.48 14.70
N LEU A 16 -15.06 -1.22 13.68
CA LEU A 16 -14.23 -2.40 13.91
C LEU A 16 -12.75 -2.02 13.67
N PRO A 17 -11.81 -2.70 14.32
CA PRO A 17 -10.41 -2.34 14.08
C PRO A 17 -10.06 -2.65 12.62
N THR A 18 -8.95 -2.11 12.11
CA THR A 18 -8.61 -2.35 10.71
C THR A 18 -7.87 -3.66 10.51
N HIS A 19 -7.23 -4.12 11.58
CA HIS A 19 -6.47 -5.36 11.56
C HIS A 19 -6.63 -6.02 12.92
N TRP A 20 -7.07 -7.27 12.96
CA TRP A 20 -7.24 -7.95 14.24
C TRP A 20 -6.76 -9.39 14.19
N ARG A 21 -6.44 -9.95 15.35
CA ARG A 21 -5.97 -11.34 15.41
C ARG A 21 -7.17 -12.24 15.27
N CYS A 22 -6.98 -13.38 14.61
CA CYS A 22 -8.12 -14.23 14.46
C CYS A 22 -8.47 -14.93 15.75
N ASN A 23 -9.77 -15.16 15.91
CA ASN A 23 -10.36 -15.79 17.05
C ASN A 23 -10.14 -15.02 18.36
N LYS A 24 -9.73 -13.77 18.22
CA LYS A 24 -9.50 -12.89 19.37
C LYS A 24 -10.67 -11.92 19.59
N THR A 25 -11.18 -11.88 20.82
CA THR A 25 -12.27 -10.96 21.14
C THR A 25 -11.92 -9.57 20.61
N LEU A 26 -12.90 -8.86 20.03
CA LEU A 26 -12.69 -7.52 19.49
C LEU A 26 -12.57 -6.48 20.60
N PRO A 27 -11.89 -5.34 20.33
CA PRO A 27 -11.72 -4.28 21.34
C PRO A 27 -13.02 -3.60 21.79
N ILE A 28 -14.01 -3.53 20.87
CA ILE A 28 -15.31 -2.89 21.14
C ILE A 28 -16.45 -3.81 20.70
N ALA A 29 -17.45 -4.02 21.54
CA ALA A 29 -18.55 -4.86 21.11
C ALA A 29 -19.20 -4.36 19.81
N PHE A 30 -19.29 -5.24 18.82
CA PHE A 30 -19.90 -4.89 17.53
C PHE A 30 -21.41 -4.69 17.68
N LYS A 31 -21.94 -3.67 17.00
CA LYS A 31 -23.37 -3.34 17.06
C LYS A 31 -23.91 -2.99 15.69
N VAL A 32 -25.18 -3.26 15.48
CA VAL A 32 -25.82 -2.92 14.22
C VAL A 32 -27.00 -2.08 14.63
N VAL A 33 -27.02 -0.85 14.14
CA VAL A 33 -28.08 0.09 14.48
C VAL A 33 -28.94 0.35 13.26
N ALA A 34 -30.25 0.36 13.48
CA ALA A 34 -31.19 0.59 12.41
C ALA A 34 -31.69 2.00 12.45
N LYS A 35 -31.80 2.62 11.27
CA LYS A 35 -32.29 3.99 11.15
C LYS A 35 -33.82 3.90 11.25
N GLY A 36 -34.42 3.25 10.26
CA GLY A 36 -35.85 3.06 10.23
C GLY A 36 -36.31 2.23 11.42
N ASP A 37 -37.55 1.73 11.37
CA ASP A 37 -38.05 0.96 12.49
C ASP A 37 -38.04 -0.53 12.25
N VAL A 38 -37.33 -1.22 13.14
CA VAL A 38 -37.22 -2.66 13.05
C VAL A 38 -37.77 -3.22 14.34
N PRO A 39 -38.76 -4.12 14.23
CA PRO A 39 -39.39 -4.74 15.40
C PRO A 39 -38.43 -5.44 16.34
N ASP A 40 -38.50 -5.12 17.63
CA ASP A 40 -37.63 -5.76 18.58
C ASP A 40 -37.78 -7.25 18.54
N GLY A 41 -36.66 -7.94 18.64
CA GLY A 41 -36.67 -9.39 18.58
C GLY A 41 -36.20 -9.88 17.22
N THR A 42 -36.14 -8.99 16.23
CA THR A 42 -35.70 -9.35 14.89
C THR A 42 -34.27 -9.80 14.94
N LEU A 43 -33.96 -10.91 14.27
CA LEU A 43 -32.60 -11.42 14.27
C LEU A 43 -31.72 -10.72 13.25
N VAL A 44 -30.48 -10.47 13.65
CA VAL A 44 -29.50 -9.84 12.80
C VAL A 44 -28.30 -10.79 12.75
N THR A 45 -27.75 -10.98 11.57
CA THR A 45 -26.65 -11.90 11.41
C THR A 45 -25.53 -11.24 10.66
N VAL A 46 -24.32 -11.77 10.79
CA VAL A 46 -23.23 -11.20 10.04
C VAL A 46 -22.37 -12.28 9.40
N MET A 47 -21.90 -12.02 8.19
CA MET A 47 -21.05 -12.95 7.43
C MET A 47 -19.90 -12.17 6.78
N ALA A 48 -18.84 -12.89 6.39
CA ALA A 48 -17.67 -12.25 5.82
C ALA A 48 -16.93 -13.08 4.80
N GLY A 49 -16.23 -12.40 3.88
CA GLY A 49 -15.47 -13.10 2.86
C GLY A 49 -14.88 -12.21 1.78
N ASN A 50 -14.11 -12.80 0.88
CA ASN A 50 -13.51 -12.08 -0.23
C ASN A 50 -12.90 -13.00 -1.28
N ASP A 51 -12.19 -12.43 -2.23
CA ASP A 51 -11.62 -13.24 -3.29
C ASP A 51 -10.64 -14.29 -2.78
N GLU A 52 -10.15 -14.13 -1.56
CA GLU A 52 -9.18 -15.09 -1.06
C GLU A 52 -9.83 -16.12 -0.16
N ASN A 53 -10.98 -15.76 0.39
CA ASN A 53 -11.71 -16.66 1.28
C ASN A 53 -13.17 -16.29 1.06
N TYR A 54 -13.91 -17.16 0.35
CA TYR A 54 -15.30 -16.85 0.04
C TYR A 54 -16.24 -16.82 1.26
N SER A 55 -15.95 -17.57 2.32
CA SER A 55 -16.81 -17.46 3.50
C SER A 55 -16.03 -17.72 4.77
N ALA A 56 -15.66 -16.66 5.45
CA ALA A 56 -14.87 -16.76 6.67
C ALA A 56 -15.63 -17.36 7.83
N GLU A 57 -14.95 -18.17 8.62
CA GLU A 57 -15.60 -18.73 9.78
C GLU A 57 -15.62 -17.64 10.87
N LEU A 58 -16.78 -17.45 11.49
CA LEU A 58 -16.99 -16.44 12.55
C LEU A 58 -17.44 -17.13 13.82
N ARG A 59 -17.64 -16.39 14.90
CA ARG A 59 -18.14 -16.99 16.14
C ARG A 59 -19.14 -16.01 16.70
N ASN A 60 -20.26 -16.53 17.23
CA ASN A 60 -21.30 -15.67 17.79
C ASN A 60 -21.73 -14.58 16.78
N ALA A 61 -22.05 -15.00 15.56
CA ALA A 61 -22.45 -14.03 14.55
C ALA A 61 -23.95 -13.82 14.52
N THR A 62 -24.61 -14.05 15.64
CA THR A 62 -26.04 -13.84 15.66
C THR A 62 -26.43 -12.94 16.81
N ALA A 63 -27.31 -11.98 16.51
CA ALA A 63 -27.80 -11.05 17.52
C ALA A 63 -29.28 -10.68 17.28
N ALA A 64 -29.95 -10.29 18.35
CA ALA A 64 -31.35 -9.91 18.27
C ALA A 64 -31.46 -8.41 18.46
N MET A 65 -32.23 -7.78 17.57
CA MET A 65 -32.41 -6.34 17.62
C MET A 65 -33.30 -5.94 18.81
N LYS A 66 -32.93 -4.85 19.47
CA LYS A 66 -33.70 -4.38 20.61
C LYS A 66 -33.57 -2.86 20.64
N ASN A 67 -34.70 -2.17 20.60
CA ASN A 67 -34.72 -0.72 20.56
C ASN A 67 -33.84 -0.23 19.44
N GLN A 68 -33.92 -0.89 18.28
CA GLN A 68 -33.14 -0.48 17.12
C GLN A 68 -31.67 -0.86 17.16
N VAL A 69 -31.27 -1.60 18.20
CA VAL A 69 -29.86 -1.98 18.35
C VAL A 69 -29.57 -3.49 18.45
N ALA A 70 -28.73 -3.98 17.56
CA ALA A 70 -28.34 -5.40 17.58
C ALA A 70 -26.96 -5.45 18.22
N ARG A 71 -26.90 -5.80 19.50
CA ARG A 71 -25.64 -5.85 20.20
C ARG A 71 -25.02 -7.25 20.18
N PHE A 72 -24.00 -7.45 19.38
CA PHE A 72 -23.35 -8.76 19.32
C PHE A 72 -22.45 -9.05 20.50
N ASN A 73 -22.73 -10.12 21.22
CA ASN A 73 -21.89 -10.47 22.35
C ASN A 73 -20.68 -11.34 21.95
N ASP A 74 -19.49 -10.73 21.92
CA ASP A 74 -18.26 -11.43 21.57
C ASP A 74 -18.16 -12.01 20.16
N LEU A 75 -18.23 -11.14 19.17
CA LEU A 75 -18.10 -11.53 17.78
C LEU A 75 -16.63 -11.72 17.50
N ARG A 76 -16.25 -12.85 16.92
CA ARG A 76 -14.85 -13.07 16.58
C ARG A 76 -14.74 -13.54 15.15
N PHE A 77 -13.62 -13.20 14.51
CA PHE A 77 -13.35 -13.62 13.15
C PHE A 77 -12.35 -14.75 13.25
N VAL A 78 -12.68 -15.93 12.74
CA VAL A 78 -11.74 -17.01 12.81
C VAL A 78 -10.97 -17.13 11.53
N GLY A 79 -11.69 -17.20 10.41
CA GLY A 79 -11.02 -17.31 9.12
C GLY A 79 -10.19 -16.10 8.76
N ARG A 80 -9.15 -16.30 7.95
CA ARG A 80 -8.28 -15.21 7.58
C ARG A 80 -8.66 -14.48 6.28
N SER A 81 -8.19 -13.26 6.11
CA SER A 81 -8.53 -12.50 4.94
C SER A 81 -7.43 -12.42 3.91
N GLY A 82 -6.24 -12.91 4.23
CA GLY A 82 -5.15 -12.87 3.26
C GLY A 82 -4.27 -11.64 3.39
N ARG A 83 -2.98 -11.80 3.07
CA ARG A 83 -2.00 -10.69 3.16
C ARG A 83 -2.49 -9.38 2.54
N GLY A 84 -2.59 -8.34 3.36
CA GLY A 84 -3.02 -7.04 2.90
C GLY A 84 -4.46 -6.91 2.46
N LYS A 85 -5.20 -8.01 2.46
CA LYS A 85 -6.60 -8.00 2.04
C LYS A 85 -7.57 -7.88 3.21
N SER A 86 -8.76 -7.33 2.96
CA SER A 86 -9.74 -7.24 4.01
C SER A 86 -11.01 -8.00 3.66
N PHE A 87 -11.89 -8.13 4.66
CA PHE A 87 -13.16 -8.82 4.50
C PHE A 87 -14.28 -7.84 4.17
N THR A 88 -15.31 -8.36 3.52
CA THR A 88 -16.50 -7.60 3.18
C THR A 88 -17.56 -8.19 4.09
N LEU A 89 -18.08 -7.39 5.01
CA LEU A 89 -19.11 -7.86 5.92
C LEU A 89 -20.44 -7.78 5.24
N THR A 90 -21.32 -8.72 5.55
CA THR A 90 -22.67 -8.74 4.99
C THR A 90 -23.58 -8.88 6.20
N ILE A 91 -24.28 -7.79 6.53
CA ILE A 91 -25.20 -7.75 7.68
C ILE A 91 -26.60 -8.11 7.19
N THR A 92 -27.28 -9.02 7.85
CA THR A 92 -28.63 -9.39 7.43
C THR A 92 -29.63 -9.24 8.57
N VAL A 93 -30.59 -8.33 8.38
CA VAL A 93 -31.63 -8.07 9.37
C VAL A 93 -32.85 -8.84 8.89
N PHE A 94 -33.19 -9.94 9.56
CA PHE A 94 -34.30 -10.77 9.11
C PHE A 94 -35.74 -10.30 9.25
N THR A 95 -36.08 -9.31 8.44
CA THR A 95 -37.44 -8.79 8.41
C THR A 95 -38.05 -9.53 7.21
N ASN A 96 -39.25 -9.16 6.80
CA ASN A 96 -39.87 -9.82 5.67
C ASN A 96 -40.34 -8.81 4.65
N PRO A 97 -39.66 -8.74 3.49
CA PRO A 97 -38.49 -9.58 3.18
C PRO A 97 -37.27 -9.19 4.01
N PRO A 98 -36.23 -10.01 3.98
CA PRO A 98 -35.00 -9.77 4.74
C PRO A 98 -34.20 -8.58 4.19
N GLN A 99 -33.68 -7.74 5.09
CA GLN A 99 -32.87 -6.61 4.68
C GLN A 99 -31.40 -6.94 4.89
N VAL A 100 -30.57 -6.63 3.91
CA VAL A 100 -29.15 -6.92 4.02
C VAL A 100 -28.33 -5.70 3.64
N ALA A 101 -27.36 -5.36 4.49
CA ALA A 101 -26.47 -4.20 4.30
C ALA A 101 -25.01 -4.64 4.30
N THR A 102 -24.26 -4.38 3.23
CA THR A 102 -22.87 -4.79 3.24
C THR A 102 -21.92 -3.70 3.75
N TYR A 103 -20.64 -4.06 3.86
CA TYR A 103 -19.59 -3.16 4.35
C TYR A 103 -18.26 -3.69 3.83
N HIS A 104 -17.72 -3.03 2.79
CA HIS A 104 -16.47 -3.45 2.17
C HIS A 104 -15.21 -2.99 2.88
N ARG A 105 -14.12 -3.75 2.69
CA ARG A 105 -12.82 -3.49 3.33
C ARG A 105 -13.05 -3.16 4.80
N ALA A 106 -13.90 -3.95 5.46
CA ALA A 106 -14.24 -3.73 6.86
C ALA A 106 -13.13 -4.03 7.83
N ILE A 107 -12.51 -5.19 7.66
CA ILE A 107 -11.48 -5.60 8.59
C ILE A 107 -10.53 -6.62 8.01
N LYS A 108 -9.31 -6.63 8.55
CA LYS A 108 -8.28 -7.56 8.11
C LYS A 108 -7.95 -8.50 9.28
N ILE A 109 -8.12 -9.81 9.05
CA ILE A 109 -7.83 -10.77 10.08
C ILE A 109 -6.68 -11.64 9.67
N THR A 110 -5.76 -11.85 10.59
CA THR A 110 -4.57 -12.66 10.35
C THR A 110 -4.28 -13.53 11.58
N VAL A 111 -3.38 -14.48 11.43
CA VAL A 111 -3.05 -15.38 12.51
C VAL A 111 -2.49 -14.62 13.71
N ASP A 112 -1.61 -13.65 13.46
CA ASP A 112 -0.97 -12.87 14.52
C ASP A 112 -1.71 -11.60 14.88
N GLY A 113 -2.09 -10.85 13.85
CA GLY A 113 -2.76 -9.59 14.05
C GLY A 113 -1.69 -8.52 14.23
N PRO A 114 -2.06 -7.34 14.71
CA PRO A 114 -1.13 -6.22 14.93
C PRO A 114 0.05 -6.62 15.83
N ARG A 115 1.26 -6.57 15.30
CA ARG A 115 2.46 -6.89 16.08
C ARG A 115 3.54 -5.81 15.93
N GLU A 116 4.13 -5.43 17.05
CA GLU A 116 5.19 -4.42 17.05
C GLU A 116 6.40 -4.96 16.28
N PRO A 117 6.99 -4.15 15.40
CA PRO A 117 8.15 -4.60 14.62
C PRO A 117 9.22 -5.30 15.46
N ARG A 118 9.93 -6.23 14.81
CA ARG A 118 11.00 -6.99 15.47
C ARG A 118 12.38 -6.44 15.10
N PRO B 2 -35.37 4.95 6.38
CA PRO B 2 -35.00 4.88 4.93
C PRO B 2 -34.64 3.44 4.55
N ARG B 3 -35.65 2.60 4.36
CA ARG B 3 -35.41 1.21 4.00
C ARG B 3 -34.80 1.08 2.61
N VAL B 4 -34.96 2.11 1.79
CA VAL B 4 -34.43 2.12 0.44
C VAL B 4 -33.84 3.45 0.07
N VAL B 5 -33.16 3.46 -1.08
CA VAL B 5 -32.52 4.65 -1.60
C VAL B 5 -33.40 5.27 -2.69
N PRO B 6 -33.37 6.62 -2.80
CA PRO B 6 -34.18 7.33 -3.81
C PRO B 6 -34.08 6.70 -5.20
N ASP B 7 -32.90 6.80 -5.80
CA ASP B 7 -32.62 6.25 -7.13
C ASP B 7 -32.59 4.72 -7.10
N GLN B 8 -33.56 4.14 -6.40
CA GLN B 8 -33.64 2.70 -6.26
C GLN B 8 -33.36 1.94 -7.54
N ARG B 9 -33.71 2.50 -8.68
CA ARG B 9 -33.47 1.80 -9.93
C ARG B 9 -32.09 2.10 -10.49
N SER B 10 -31.67 3.35 -10.41
CA SER B 10 -30.36 3.75 -10.91
C SER B 10 -29.25 2.91 -10.27
N LYS B 11 -29.21 2.90 -8.94
CA LYS B 11 -28.19 2.16 -8.20
C LYS B 11 -27.93 0.78 -8.77
N PHE B 12 -28.98 0.10 -9.19
CA PHE B 12 -28.81 -1.23 -9.73
C PHE B 12 -28.18 -1.29 -11.11
N GLU B 13 -28.51 -0.33 -11.98
CA GLU B 13 -27.97 -0.33 -13.33
C GLU B 13 -26.67 0.44 -13.44
N ASN B 14 -26.33 1.19 -12.41
CA ASN B 14 -25.11 1.98 -12.43
C ASN B 14 -24.01 1.37 -11.54
N GLU B 15 -24.19 1.47 -10.22
CA GLU B 15 -23.23 0.97 -9.24
C GLU B 15 -22.56 -0.32 -9.64
N GLU B 16 -21.25 -0.37 -9.43
CA GLU B 16 -20.45 -1.54 -9.79
C GLU B 16 -20.73 -2.78 -8.95
N PHE B 17 -21.20 -2.58 -7.72
CA PHE B 17 -21.49 -3.70 -6.81
C PHE B 17 -22.53 -4.64 -7.40
N PHE B 18 -23.60 -4.06 -7.91
CA PHE B 18 -24.66 -4.84 -8.50
C PHE B 18 -24.27 -5.38 -9.88
N ARG B 19 -23.79 -4.51 -10.76
CA ARG B 19 -23.42 -4.95 -12.09
C ARG B 19 -22.51 -6.17 -12.07
N LYS B 20 -21.67 -6.26 -11.04
CA LYS B 20 -20.72 -7.36 -10.89
C LYS B 20 -21.44 -8.65 -10.54
N LEU B 21 -22.69 -8.49 -10.08
CA LEU B 21 -23.54 -9.60 -9.65
C LEU B 21 -24.81 -9.77 -10.50
N SER B 22 -24.86 -9.09 -11.65
CA SER B 22 -26.01 -9.19 -12.55
C SER B 22 -25.78 -10.40 -13.43
N ARG B 23 -24.57 -10.53 -13.94
CA ARG B 23 -24.20 -11.62 -14.81
C ARG B 23 -24.13 -12.94 -14.05
N GLU B 24 -24.04 -14.04 -14.78
CA GLU B 24 -23.96 -15.37 -14.19
C GLU B 24 -22.69 -15.56 -13.38
N CYS B 25 -22.74 -15.24 -12.09
CA CYS B 25 -21.57 -15.39 -11.23
C CYS B 25 -21.57 -16.75 -10.57
N GLU B 26 -20.38 -17.27 -10.31
CA GLU B 26 -20.23 -18.56 -9.66
C GLU B 26 -20.64 -18.44 -8.18
N ILE B 27 -21.60 -19.25 -7.75
CA ILE B 27 -22.06 -19.21 -6.36
C ILE B 27 -21.71 -20.50 -5.64
N LYS B 28 -21.81 -20.46 -4.31
CA LYS B 28 -21.52 -21.63 -3.50
C LYS B 28 -22.20 -21.59 -2.12
N TYR B 29 -22.57 -22.77 -1.63
CA TYR B 29 -23.20 -22.89 -0.32
C TYR B 29 -22.09 -22.65 0.69
N THR B 30 -22.34 -21.79 1.68
CA THR B 30 -21.31 -21.47 2.67
C THR B 30 -21.55 -22.15 4.01
N GLY B 31 -22.67 -22.86 4.13
CA GLY B 31 -22.98 -23.51 5.38
C GLY B 31 -22.03 -24.59 5.87
N PHE B 32 -21.89 -24.65 7.19
CA PHE B 32 -21.05 -25.64 7.87
C PHE B 32 -19.76 -26.10 7.18
N ARG B 33 -18.95 -25.14 6.77
CA ARG B 33 -17.68 -25.44 6.11
C ARG B 33 -16.85 -26.45 6.87
N ASP B 34 -16.95 -26.45 8.19
CA ASP B 34 -16.13 -27.36 8.99
C ASP B 34 -16.83 -28.66 9.31
N ARG B 35 -17.53 -29.19 8.32
CA ARG B 35 -18.25 -30.43 8.52
C ARG B 35 -18.09 -31.37 7.34
N PRO B 36 -18.18 -32.68 7.59
CA PRO B 36 -18.03 -33.62 6.49
C PRO B 36 -18.88 -33.20 5.30
N HIS B 37 -18.51 -33.65 4.11
CA HIS B 37 -19.27 -33.32 2.92
C HIS B 37 -20.66 -33.97 3.00
N GLU B 38 -20.78 -35.12 3.64
CA GLU B 38 -22.09 -35.77 3.77
C GLU B 38 -23.05 -34.89 4.56
N GLU B 39 -22.58 -34.37 5.68
CA GLU B 39 -23.39 -33.52 6.54
C GLU B 39 -23.72 -32.19 5.85
N ARG B 40 -22.82 -31.70 5.02
CA ARG B 40 -23.08 -30.45 4.32
C ARG B 40 -24.13 -30.66 3.24
N GLN B 41 -24.26 -31.89 2.78
CA GLN B 41 -25.23 -32.19 1.73
C GLN B 41 -26.63 -32.29 2.29
N THR B 42 -26.79 -33.09 3.35
CA THR B 42 -28.10 -33.23 3.95
C THR B 42 -28.56 -31.88 4.52
N ARG B 43 -27.72 -31.26 5.34
CA ARG B 43 -28.06 -29.96 5.91
C ARG B 43 -28.56 -28.99 4.85
N PHE B 44 -27.80 -28.84 3.77
CA PHE B 44 -28.18 -27.91 2.71
C PHE B 44 -29.50 -28.21 2.02
N GLN B 45 -29.74 -29.48 1.70
CA GLN B 45 -30.99 -29.83 1.04
C GLN B 45 -32.14 -29.63 2.01
N ASN B 46 -32.09 -30.29 3.17
CA ASN B 46 -33.15 -30.16 4.15
C ASN B 46 -33.46 -28.70 4.48
N ALA B 47 -32.45 -27.84 4.43
CA ALA B 47 -32.64 -26.43 4.75
C ALA B 47 -33.42 -25.73 3.64
N CYS B 48 -33.18 -26.13 2.40
CA CYS B 48 -33.88 -25.51 1.28
C CYS B 48 -35.35 -25.87 1.40
N ARG B 49 -35.59 -27.12 1.79
CA ARG B 49 -36.94 -27.59 1.99
C ARG B 49 -37.57 -26.67 3.04
N ASP B 50 -36.76 -26.11 3.93
CA ASP B 50 -37.29 -25.20 4.94
C ASP B 50 -37.32 -23.77 4.43
N GLY B 51 -36.88 -23.57 3.20
CA GLY B 51 -36.91 -22.24 2.61
C GLY B 51 -35.75 -21.31 2.94
N ARG B 52 -34.59 -21.89 3.26
CA ARG B 52 -33.44 -21.08 3.58
C ARG B 52 -32.15 -21.76 3.19
N SER B 53 -31.11 -20.95 3.06
CA SER B 53 -29.77 -21.42 2.73
C SER B 53 -28.76 -20.27 2.82
N GLU B 54 -27.47 -20.58 2.76
CA GLU B 54 -26.42 -19.56 2.82
C GLU B 54 -25.56 -19.63 1.54
N ILE B 55 -25.65 -18.62 0.72
CA ILE B 55 -24.88 -18.63 -0.51
C ILE B 55 -23.94 -17.45 -0.57
N ALA B 56 -22.82 -17.63 -1.28
CA ALA B 56 -21.86 -16.56 -1.46
C ALA B 56 -21.28 -16.65 -2.88
N PHE B 57 -21.11 -15.49 -3.52
CA PHE B 57 -20.56 -15.43 -4.87
C PHE B 57 -19.05 -15.59 -4.81
N VAL B 58 -18.58 -16.84 -4.87
CA VAL B 58 -17.17 -17.18 -4.79
C VAL B 58 -16.24 -16.13 -5.39
N ALA B 59 -16.45 -15.79 -6.64
CA ALA B 59 -15.62 -14.78 -7.30
C ALA B 59 -15.30 -13.55 -6.43
N THR B 60 -16.35 -12.86 -6.00
CA THR B 60 -16.21 -11.67 -5.20
C THR B 60 -16.21 -11.95 -3.68
N GLY B 61 -16.62 -13.16 -3.31
CA GLY B 61 -16.67 -13.53 -1.91
C GLY B 61 -17.74 -12.81 -1.12
N THR B 62 -18.77 -12.31 -1.81
CA THR B 62 -19.86 -11.61 -1.12
C THR B 62 -20.91 -12.62 -0.66
N ASN B 63 -21.02 -12.78 0.66
CA ASN B 63 -21.97 -13.72 1.25
C ASN B 63 -23.35 -13.11 1.37
N LEU B 64 -24.36 -13.98 1.30
CA LEU B 64 -25.74 -13.55 1.44
C LEU B 64 -26.55 -14.64 2.12
N SER B 65 -27.51 -14.21 2.92
CA SER B 65 -28.39 -15.14 3.63
C SER B 65 -29.65 -15.09 2.79
N LEU B 66 -30.20 -16.26 2.48
CA LEU B 66 -31.37 -16.31 1.63
C LEU B 66 -32.60 -16.93 2.25
N GLN B 67 -33.74 -16.32 1.98
CA GLN B 67 -35.03 -16.79 2.46
C GLN B 67 -35.87 -17.04 1.20
N PHE B 68 -36.19 -18.29 0.91
CA PHE B 68 -36.94 -18.57 -0.31
C PHE B 68 -38.44 -18.45 -0.13
N PHE B 69 -38.93 -17.22 -0.09
CA PHE B 69 -40.35 -16.96 0.08
C PHE B 69 -40.69 -15.62 -0.53
N PRO B 70 -41.98 -15.35 -0.75
CA PRO B 70 -42.40 -14.07 -1.33
C PRO B 70 -42.41 -12.93 -0.27
N ALA B 71 -42.27 -11.69 -0.72
CA ALA B 71 -42.25 -10.55 0.18
C ALA B 71 -43.66 -10.25 0.67
N PRO B 81 -41.94 -23.99 3.77
CA PRO B 81 -42.94 -24.54 2.85
C PRO B 81 -43.14 -23.63 1.63
N SER B 82 -42.22 -23.68 0.69
CA SER B 82 -42.33 -22.85 -0.50
C SER B 82 -42.74 -23.71 -1.68
N ARG B 83 -42.74 -23.14 -2.88
CA ARG B 83 -43.13 -23.90 -4.05
C ARG B 83 -42.44 -23.48 -5.34
N GLU B 84 -42.69 -22.24 -5.76
CA GLU B 84 -42.08 -21.73 -7.00
C GLU B 84 -40.72 -21.10 -6.73
N TYR B 85 -40.42 -20.87 -5.44
CA TYR B 85 -39.16 -20.26 -5.02
C TYR B 85 -38.02 -21.28 -4.88
N VAL B 86 -38.36 -22.50 -4.48
CA VAL B 86 -37.37 -23.55 -4.34
C VAL B 86 -37.85 -24.72 -5.21
N ASP B 87 -37.11 -24.98 -6.29
CA ASP B 87 -37.45 -26.05 -7.24
C ASP B 87 -36.58 -27.28 -6.96
N LEU B 88 -37.02 -28.42 -7.49
CA LEU B 88 -36.27 -29.65 -7.31
C LEU B 88 -36.52 -30.54 -8.52
N GLU B 89 -37.51 -30.14 -9.31
CA GLU B 89 -37.91 -30.88 -10.51
C GLU B 89 -37.08 -30.46 -11.72
N ARG B 90 -37.05 -29.15 -11.96
CA ARG B 90 -36.33 -28.57 -13.10
C ARG B 90 -35.12 -29.39 -13.62
N GLU B 91 -34.51 -30.21 -12.77
CA GLU B 91 -33.39 -31.05 -13.19
C GLU B 91 -32.95 -31.98 -12.07
N ALA B 92 -33.03 -33.27 -12.34
CA ALA B 92 -32.65 -34.29 -11.36
C ALA B 92 -31.26 -34.03 -10.80
N GLY B 93 -31.20 -33.63 -9.53
CA GLY B 93 -29.93 -33.33 -8.89
C GLY B 93 -29.82 -31.86 -8.51
N LYS B 94 -29.93 -30.98 -9.50
CA LYS B 94 -29.85 -29.54 -9.25
C LYS B 94 -31.06 -29.06 -8.45
N VAL B 95 -30.95 -27.82 -7.96
CA VAL B 95 -32.00 -27.17 -7.18
C VAL B 95 -32.06 -25.71 -7.60
N TYR B 96 -33.22 -25.24 -8.04
CA TYR B 96 -33.33 -23.85 -8.46
C TYR B 96 -33.98 -23.01 -7.37
N LEU B 97 -33.25 -22.02 -6.89
CA LEU B 97 -33.74 -21.19 -5.81
C LEU B 97 -34.10 -19.78 -6.23
N LYS B 98 -34.95 -19.14 -5.44
CA LYS B 98 -35.38 -17.77 -5.70
C LYS B 98 -35.61 -17.13 -4.33
N ALA B 99 -35.11 -15.91 -4.15
CA ALA B 99 -35.25 -15.25 -2.87
C ALA B 99 -35.12 -13.75 -3.00
N PRO B 100 -36.18 -13.03 -2.62
CA PRO B 100 -36.19 -11.57 -2.69
C PRO B 100 -35.58 -10.94 -1.43
N MET B 101 -35.16 -9.69 -1.53
CA MET B 101 -34.58 -8.99 -0.39
C MET B 101 -34.33 -7.53 -0.73
N ILE B 102 -33.89 -6.77 0.25
CA ILE B 102 -33.57 -5.38 0.03
C ILE B 102 -32.09 -5.24 0.31
N LEU B 103 -31.29 -5.52 -0.72
CA LEU B 103 -29.83 -5.44 -0.61
C LEU B 103 -29.38 -3.98 -0.80
N ASN B 104 -28.82 -3.38 0.24
CA ASN B 104 -28.33 -2.00 0.16
C ASN B 104 -29.38 -1.05 -0.42
N GLY B 105 -30.54 -0.97 0.23
CA GLY B 105 -31.60 -0.06 -0.21
C GLY B 105 -32.12 -0.20 -1.64
N VAL B 106 -31.95 -1.39 -2.21
CA VAL B 106 -32.39 -1.66 -3.57
C VAL B 106 -33.11 -2.99 -3.65
N CYS B 107 -34.41 -2.92 -3.92
CA CYS B 107 -35.19 -4.15 -4.02
C CYS B 107 -34.65 -5.01 -5.15
N VAL B 108 -34.32 -6.25 -4.81
CA VAL B 108 -33.78 -7.16 -5.80
C VAL B 108 -34.25 -8.58 -5.49
N ILE B 109 -33.95 -9.49 -6.40
CA ILE B 109 -34.31 -10.89 -6.24
C ILE B 109 -33.15 -11.76 -6.65
N TRP B 110 -32.79 -12.69 -5.78
CA TRP B 110 -31.68 -13.60 -6.04
C TRP B 110 -32.23 -14.81 -6.78
N LYS B 111 -31.48 -15.26 -7.79
CA LYS B 111 -31.89 -16.43 -8.58
C LYS B 111 -30.63 -17.23 -8.90
N GLY B 112 -30.71 -18.55 -8.71
CA GLY B 112 -29.59 -19.41 -8.98
C GLY B 112 -29.91 -20.88 -8.77
N TRP B 113 -28.97 -21.76 -9.06
CA TRP B 113 -29.18 -23.19 -8.87
C TRP B 113 -27.99 -23.76 -8.12
N ILE B 114 -28.10 -24.98 -7.63
CA ILE B 114 -27.02 -25.58 -6.87
C ILE B 114 -27.04 -27.10 -7.05
N ASP B 115 -25.87 -27.67 -7.30
CA ASP B 115 -25.73 -29.11 -7.46
C ASP B 115 -25.88 -29.73 -6.06
N LEU B 116 -26.94 -30.49 -5.84
CA LEU B 116 -27.21 -31.11 -4.55
C LEU B 116 -26.07 -31.96 -3.99
N HIS B 117 -25.08 -32.24 -4.83
CA HIS B 117 -23.92 -33.04 -4.42
C HIS B 117 -22.66 -32.16 -4.32
N ARG B 118 -22.47 -31.29 -5.30
CA ARG B 118 -21.32 -30.39 -5.34
C ARG B 118 -21.49 -29.21 -4.37
N LEU B 119 -22.75 -28.94 -4.02
CA LEU B 119 -23.11 -27.84 -3.12
C LEU B 119 -22.65 -26.50 -3.68
N ASP B 120 -22.72 -26.36 -5.01
CA ASP B 120 -22.33 -25.13 -5.71
C ASP B 120 -23.03 -25.02 -7.07
N GLY B 121 -22.89 -23.86 -7.71
CA GLY B 121 -23.52 -23.68 -9.00
C GLY B 121 -23.36 -22.27 -9.50
N MET B 122 -24.48 -21.61 -9.83
CA MET B 122 -24.41 -20.24 -10.31
C MET B 122 -25.70 -19.49 -10.00
N GLY B 123 -25.65 -18.17 -10.08
CA GLY B 123 -26.82 -17.37 -9.79
C GLY B 123 -26.57 -15.89 -10.00
N CYS B 124 -27.59 -15.07 -9.83
CA CYS B 124 -27.40 -13.64 -10.02
C CYS B 124 -28.51 -12.82 -9.38
N LEU B 125 -28.31 -11.50 -9.36
CA LEU B 125 -29.25 -10.56 -8.77
C LEU B 125 -29.93 -9.68 -9.80
N GLU B 126 -31.21 -9.91 -10.05
CA GLU B 126 -31.92 -9.08 -11.00
C GLU B 126 -32.90 -8.15 -10.30
N PHE B 127 -32.86 -6.87 -10.66
CA PHE B 127 -33.73 -5.84 -10.07
C PHE B 127 -35.18 -6.30 -9.91
N ASP B 128 -35.91 -5.65 -9.02
CA ASP B 128 -37.31 -6.02 -8.79
C ASP B 128 -38.22 -4.79 -8.93
N GLU B 129 -38.75 -4.61 -10.14
CA GLU B 129 -39.63 -3.49 -10.50
C GLU B 129 -40.81 -3.32 -9.54
N GLU B 130 -41.46 -4.43 -9.20
CA GLU B 130 -42.62 -4.39 -8.33
C GLU B 130 -42.30 -4.04 -6.89
N ARG B 131 -41.48 -4.87 -6.24
CA ARG B 131 -41.11 -4.62 -4.86
C ARG B 131 -40.59 -3.20 -4.69
N ALA B 132 -39.73 -2.78 -5.64
CA ALA B 132 -39.17 -1.44 -5.60
C ALA B 132 -40.31 -0.43 -5.59
N GLN B 133 -41.23 -0.64 -6.51
CA GLN B 133 -42.41 0.21 -6.66
C GLN B 133 -43.07 0.47 -5.31
N GLN B 134 -43.63 -0.60 -4.73
CA GLN B 134 -44.31 -0.55 -3.45
C GLN B 134 -43.47 0.13 -2.38
N GLU B 135 -42.24 -0.36 -2.21
CA GLU B 135 -41.33 0.20 -1.22
C GLU B 135 -41.19 1.69 -1.40
N ASP B 136 -40.99 2.15 -2.64
CA ASP B 136 -40.83 3.58 -2.87
C ASP B 136 -42.13 4.33 -2.59
N ALA B 137 -43.21 3.56 -2.43
CA ALA B 137 -44.49 4.17 -2.13
C ALA B 137 -44.54 4.48 -0.63
N LEU B 138 -44.26 3.47 0.19
CA LEU B 138 -44.27 3.64 1.64
C LEU B 138 -43.40 4.81 2.06
N ALA B 139 -42.33 5.02 1.30
CA ALA B 139 -41.40 6.11 1.55
C ALA B 139 -41.93 7.39 0.93
N GLN B 140 -42.79 7.24 -0.07
CA GLN B 140 -43.39 8.36 -0.80
C GLN B 140 -42.30 9.24 -1.45
N PRO C 44 20.30 -45.23 19.62
CA PRO C 44 19.01 -45.05 18.93
C PRO C 44 18.78 -46.11 17.86
N VAL C 45 17.78 -46.96 18.08
CA VAL C 45 17.44 -48.04 17.13
C VAL C 45 17.15 -47.51 15.73
N ILE C 46 16.38 -46.42 15.63
CA ILE C 46 16.09 -45.83 14.33
C ILE C 46 16.11 -44.31 14.46
N PRO C 47 16.14 -43.61 13.32
CA PRO C 47 16.15 -42.15 13.30
C PRO C 47 14.73 -41.58 13.37
N ALA C 48 14.08 -41.80 14.51
CA ALA C 48 12.71 -41.34 14.73
C ALA C 48 12.53 -39.86 14.40
N ALA C 49 13.47 -39.03 14.84
CA ALA C 49 13.42 -37.58 14.60
C ALA C 49 13.27 -37.27 13.11
N ALA C 50 14.19 -37.81 12.30
CA ALA C 50 14.18 -37.61 10.86
C ALA C 50 12.95 -38.23 10.17
N LEU C 51 12.54 -39.41 10.63
CA LEU C 51 11.38 -40.12 10.07
C LEU C 51 10.05 -39.45 10.46
N ALA C 52 10.13 -38.49 11.38
CA ALA C 52 8.96 -37.76 11.86
C ALA C 52 8.81 -36.44 11.09
N GLY C 53 9.87 -36.06 10.39
CA GLY C 53 9.83 -34.82 9.62
C GLY C 53 10.94 -33.87 9.97
N TYR C 54 11.57 -34.07 11.13
CA TYR C 54 12.64 -33.21 11.56
C TYR C 54 13.85 -33.35 10.65
N THR C 55 14.32 -32.22 10.13
CA THR C 55 15.46 -32.21 9.23
C THR C 55 16.36 -31.00 9.52
N GLY C 56 16.46 -30.64 10.80
CA GLY C 56 17.28 -29.51 11.17
C GLY C 56 16.63 -28.15 10.87
N SER C 57 15.91 -28.08 9.75
CA SER C 57 15.22 -26.86 9.31
C SER C 57 14.29 -26.42 10.44
N PRO C 58 12.97 -26.18 10.17
CA PRO C 58 12.23 -25.77 11.36
C PRO C 58 12.61 -26.56 12.61
N PRO C 59 12.87 -25.85 13.72
CA PRO C 59 13.25 -26.50 14.99
C PRO C 59 12.36 -27.72 15.25
N ILE C 60 12.90 -28.66 16.00
CA ILE C 60 12.19 -29.88 16.32
C ILE C 60 10.89 -29.58 17.09
N GLN C 61 9.86 -30.35 16.77
CA GLN C 61 8.56 -30.17 17.41
C GLN C 61 8.44 -31.10 18.61
N LEU C 62 7.67 -30.69 19.61
CA LEU C 62 7.51 -31.48 20.82
C LEU C 62 7.19 -32.95 20.59
N TRP C 63 6.30 -33.26 19.65
CA TRP C 63 5.98 -34.65 19.46
C TRP C 63 7.17 -35.40 18.87
N GLN C 64 7.90 -34.75 17.96
CA GLN C 64 9.07 -35.36 17.34
C GLN C 64 10.18 -35.62 18.34
N PHE C 65 10.33 -34.71 19.29
CA PHE C 65 11.31 -34.85 20.35
C PHE C 65 10.96 -36.05 21.25
N LEU C 66 9.70 -36.17 21.66
CA LEU C 66 9.31 -37.29 22.49
C LEU C 66 9.60 -38.59 21.74
N LEU C 67 9.32 -38.60 20.45
CA LEU C 67 9.54 -39.80 19.63
C LEU C 67 11.00 -40.22 19.75
N GLU C 68 11.88 -39.22 19.64
CA GLU C 68 13.32 -39.38 19.74
C GLU C 68 13.75 -39.96 21.09
N LEU C 69 13.01 -39.67 22.16
CA LEU C 69 13.37 -40.22 23.45
C LEU C 69 12.82 -41.62 23.53
N LEU C 70 11.69 -41.85 22.90
CA LEU C 70 11.08 -43.16 22.93
C LEU C 70 11.86 -44.21 22.15
N THR C 71 12.74 -43.75 21.27
CA THR C 71 13.54 -44.67 20.48
C THR C 71 14.98 -44.74 20.94
N ASP C 72 15.25 -44.18 22.12
CA ASP C 72 16.59 -44.16 22.68
C ASP C 72 16.63 -44.99 23.97
N LYS C 73 17.17 -46.20 23.89
CA LYS C 73 17.24 -47.07 25.07
C LYS C 73 17.63 -46.41 26.39
N SER C 74 18.53 -45.43 26.35
CA SER C 74 18.98 -44.80 27.58
C SER C 74 17.97 -43.89 28.28
N CYS C 75 16.82 -43.64 27.65
CA CYS C 75 15.82 -42.79 28.24
C CYS C 75 14.66 -43.59 28.81
N GLN C 76 14.64 -44.90 28.57
CA GLN C 76 13.53 -45.69 29.07
C GLN C 76 13.29 -45.54 30.58
N SER C 77 14.26 -44.95 31.27
CA SER C 77 14.14 -44.75 32.72
C SER C 77 13.16 -43.66 33.11
N PHE C 78 12.94 -42.69 32.23
CA PHE C 78 11.97 -41.62 32.52
C PHE C 78 10.82 -41.53 31.49
N ILE C 79 10.95 -42.19 30.35
CA ILE C 79 9.87 -42.20 29.35
C ILE C 79 9.91 -43.52 28.58
N SER C 80 8.76 -44.16 28.42
CA SER C 80 8.75 -45.44 27.76
C SER C 80 7.42 -45.87 27.16
N TRP C 81 7.42 -46.80 26.21
CA TRP C 81 6.16 -47.26 25.65
C TRP C 81 5.53 -48.14 26.72
N THR C 82 4.21 -48.14 26.81
CA THR C 82 3.50 -48.95 27.80
C THR C 82 3.33 -50.37 27.28
N GLY C 83 3.62 -50.58 26.01
CA GLY C 83 3.45 -51.89 25.44
C GLY C 83 2.13 -52.03 24.70
N ASP C 84 1.28 -51.01 24.76
CA ASP C 84 0.00 -51.04 24.08
C ASP C 84 0.02 -50.05 22.94
N GLY C 85 0.25 -50.53 21.72
CA GLY C 85 0.28 -49.65 20.57
C GLY C 85 1.30 -48.54 20.68
N TRP C 86 0.95 -47.35 20.22
CA TRP C 86 1.87 -46.23 20.31
C TRP C 86 1.67 -45.41 21.59
N GLU C 87 1.20 -46.07 22.65
CA GLU C 87 0.96 -45.42 23.92
C GLU C 87 2.20 -45.37 24.80
N PHE C 88 2.47 -44.20 25.36
CA PHE C 88 3.63 -44.06 26.22
C PHE C 88 3.26 -43.37 27.52
N LYS C 89 4.15 -43.48 28.48
CA LYS C 89 3.97 -42.90 29.79
C LYS C 89 5.24 -42.21 30.21
N LEU C 90 5.13 -40.95 30.62
CA LEU C 90 6.28 -40.17 31.11
C LEU C 90 6.38 -40.53 32.60
N SER C 91 7.24 -41.49 32.91
CA SER C 91 7.43 -41.97 34.28
C SER C 91 8.08 -40.92 35.17
N ASP C 92 8.79 -39.97 34.57
CA ASP C 92 9.42 -38.88 35.30
C ASP C 92 9.28 -37.59 34.47
N PRO C 93 8.08 -36.99 34.46
CA PRO C 93 7.78 -35.77 33.72
C PRO C 93 8.77 -34.62 33.87
N ASP C 94 9.20 -34.36 35.10
CA ASP C 94 10.14 -33.27 35.38
C ASP C 94 11.42 -33.43 34.55
N GLU C 95 11.89 -34.68 34.41
CA GLU C 95 13.10 -34.95 33.63
C GLU C 95 12.81 -34.68 32.15
N VAL C 96 11.76 -35.28 31.62
CA VAL C 96 11.37 -35.07 30.23
C VAL C 96 11.34 -33.58 30.01
N ALA C 97 10.66 -32.86 30.90
CA ALA C 97 10.58 -31.40 30.77
C ALA C 97 11.95 -30.73 30.68
N ARG C 98 12.86 -31.07 31.58
CA ARG C 98 14.17 -30.45 31.55
C ARG C 98 14.80 -30.66 30.18
N ARG C 99 14.82 -31.91 29.70
CA ARG C 99 15.40 -32.21 28.40
C ARG C 99 14.73 -31.35 27.35
N TRP C 100 13.40 -31.42 27.29
CA TRP C 100 12.69 -30.61 26.32
C TRP C 100 13.19 -29.19 26.42
N GLY C 101 13.30 -28.70 27.66
CA GLY C 101 13.78 -27.34 27.90
C GLY C 101 15.17 -27.08 27.32
N LYS C 102 16.13 -27.89 27.75
CA LYS C 102 17.48 -27.75 27.25
C LYS C 102 17.48 -27.81 25.72
N ARG C 103 16.79 -28.81 25.15
CA ARG C 103 16.77 -28.95 23.70
C ARG C 103 16.19 -27.78 22.94
N LYS C 104 15.29 -27.04 23.58
CA LYS C 104 14.66 -25.87 22.96
C LYS C 104 15.25 -24.58 23.51
N ASN C 105 16.26 -24.71 24.35
CA ASN C 105 16.92 -23.55 24.91
C ASN C 105 15.93 -22.70 25.71
N LYS C 106 15.12 -23.36 26.53
CA LYS C 106 14.13 -22.66 27.35
C LYS C 106 14.33 -23.18 28.74
N PRO C 107 15.35 -22.69 29.42
CA PRO C 107 15.70 -23.09 30.79
C PRO C 107 14.58 -23.23 31.80
N LYS C 108 13.58 -22.35 31.76
CA LYS C 108 12.52 -22.45 32.75
C LYS C 108 11.38 -23.45 32.43
N MET C 109 11.56 -24.21 31.35
CA MET C 109 10.58 -25.21 30.94
C MET C 109 10.25 -26.22 32.06
N ASN C 110 8.98 -26.53 32.25
CA ASN C 110 8.56 -27.48 33.27
C ASN C 110 7.42 -28.34 32.73
N TYR C 111 7.12 -29.47 33.38
CA TYR C 111 6.06 -30.32 32.90
C TYR C 111 4.72 -29.59 32.73
N GLU C 112 4.44 -28.65 33.61
CA GLU C 112 3.21 -27.88 33.54
C GLU C 112 3.06 -27.26 32.15
N LYS C 113 4.15 -26.67 31.67
CA LYS C 113 4.15 -26.02 30.38
C LYS C 113 4.19 -27.02 29.23
N LEU C 114 4.98 -28.09 29.37
CA LEU C 114 5.09 -29.09 28.32
C LEU C 114 3.76 -29.82 28.10
N SER C 115 3.06 -30.11 29.18
CA SER C 115 1.79 -30.83 29.05
C SER C 115 0.80 -29.95 28.28
N ARG C 116 0.97 -28.63 28.37
CA ARG C 116 0.11 -27.71 27.65
C ARG C 116 0.42 -27.90 26.19
N GLY C 117 1.69 -28.16 25.90
CA GLY C 117 2.09 -28.38 24.52
C GLY C 117 1.36 -29.62 24.00
N LEU C 118 1.38 -30.67 24.80
CA LEU C 118 0.74 -31.91 24.44
C LEU C 118 -0.76 -31.70 24.20
N ARG C 119 -1.44 -31.02 25.11
CA ARG C 119 -2.87 -30.83 24.93
C ARG C 119 -3.23 -30.14 23.62
N TYR C 120 -2.32 -29.34 23.08
CA TYR C 120 -2.55 -28.65 21.82
C TYR C 120 -2.62 -29.63 20.66
N TYR C 121 -2.12 -30.84 20.88
CA TYR C 121 -2.11 -31.88 19.90
C TYR C 121 -3.44 -32.59 19.85
N TYR C 122 -4.24 -32.49 20.91
CA TYR C 122 -5.52 -33.19 20.92
C TYR C 122 -6.36 -32.93 19.69
N ASP C 123 -6.59 -31.67 19.35
CA ASP C 123 -7.38 -31.30 18.18
C ASP C 123 -6.71 -31.63 16.86
N LYS C 124 -5.40 -31.40 16.79
CA LYS C 124 -4.66 -31.65 15.57
C LYS C 124 -4.42 -33.15 15.35
N ASN C 125 -4.87 -33.98 16.28
CA ASN C 125 -4.71 -35.42 16.16
C ASN C 125 -3.30 -35.93 15.84
N ILE C 126 -2.39 -35.63 16.75
CA ILE C 126 -1.01 -36.03 16.69
C ILE C 126 -0.84 -36.91 17.93
N ILE C 127 -1.36 -36.45 19.06
CA ILE C 127 -1.25 -37.19 20.30
C ILE C 127 -2.50 -37.04 21.14
N HIS C 128 -2.95 -38.13 21.77
CA HIS C 128 -4.12 -38.10 22.65
C HIS C 128 -3.71 -38.55 24.03
N LYS C 129 -4.59 -38.27 24.99
CA LYS C 129 -4.37 -38.58 26.39
C LYS C 129 -5.06 -39.85 26.75
N THR C 130 -4.42 -40.68 27.55
CA THR C 130 -5.09 -41.89 27.98
C THR C 130 -5.83 -41.50 29.27
N ALA C 131 -7.13 -41.32 29.15
CA ALA C 131 -7.96 -40.95 30.28
C ALA C 131 -7.73 -41.85 31.49
N GLY C 132 -7.61 -41.27 32.68
CA GLY C 132 -7.43 -42.09 33.86
C GLY C 132 -6.07 -42.65 34.16
N LYS C 133 -5.09 -42.44 33.29
CA LYS C 133 -3.75 -42.96 33.58
C LYS C 133 -2.71 -41.83 33.64
N ARG C 134 -2.28 -41.56 34.85
CA ARG C 134 -1.33 -40.51 35.13
C ARG C 134 -0.12 -40.47 34.21
N TYR C 135 0.02 -39.32 33.56
CA TYR C 135 1.10 -39.04 32.62
C TYR C 135 1.14 -40.01 31.44
N VAL C 136 0.02 -40.61 31.08
CA VAL C 136 0.02 -41.52 29.94
C VAL C 136 -0.68 -40.94 28.69
N TYR C 137 0.08 -40.86 27.62
CA TYR C 137 -0.39 -40.34 26.36
C TYR C 137 -0.23 -41.35 25.23
N ARG C 138 -0.73 -41.02 24.05
CA ARG C 138 -0.64 -41.93 22.92
C ARG C 138 -0.55 -41.25 21.57
N PHE C 139 0.40 -41.68 20.77
CA PHE C 139 0.48 -41.09 19.45
C PHE C 139 -0.74 -41.62 18.70
N VAL C 140 -1.46 -40.73 18.02
CA VAL C 140 -2.60 -41.18 17.27
C VAL C 140 -2.38 -40.95 15.80
N CYS C 141 -1.25 -40.37 15.42
CA CYS C 141 -0.99 -40.20 13.99
C CYS C 141 -0.54 -41.56 13.44
N ASP C 142 -0.01 -41.57 12.20
CA ASP C 142 0.42 -42.83 11.58
C ASP C 142 1.93 -43.04 11.67
N LEU C 143 2.35 -43.36 12.88
CA LEU C 143 3.75 -43.59 13.15
C LEU C 143 4.26 -44.75 12.30
N GLN C 144 3.43 -45.76 12.08
CA GLN C 144 3.87 -46.90 11.28
C GLN C 144 4.39 -46.49 9.91
N SER C 145 3.65 -45.61 9.24
CA SER C 145 4.06 -45.13 7.92
C SER C 145 5.32 -44.28 8.05
N LEU C 146 5.36 -43.45 9.08
CA LEU C 146 6.50 -42.58 9.30
C LEU C 146 7.77 -43.29 9.69
N LEU C 147 7.69 -44.10 10.74
CA LEU C 147 8.84 -44.83 11.26
C LEU C 147 9.21 -46.00 10.40
N GLY C 148 8.17 -46.63 9.85
CA GLY C 148 8.36 -47.80 9.01
C GLY C 148 8.38 -49.08 9.81
N TYR C 149 7.84 -49.04 11.02
CA TYR C 149 7.81 -50.23 11.87
C TYR C 149 6.48 -50.29 12.58
N THR C 150 6.01 -51.49 12.90
CA THR C 150 4.75 -51.57 13.61
C THR C 150 5.12 -51.48 15.07
N PRO C 151 4.14 -51.18 15.94
CA PRO C 151 4.46 -51.09 17.35
C PRO C 151 5.13 -52.36 17.87
N GLU C 152 4.55 -53.53 17.55
CA GLU C 152 5.16 -54.80 18.00
C GLU C 152 6.66 -54.80 17.69
N GLU C 153 6.97 -54.50 16.43
CA GLU C 153 8.34 -54.48 15.98
C GLU C 153 9.21 -53.52 16.77
N LEU C 154 8.79 -52.26 16.87
CA LEU C 154 9.59 -51.27 17.61
C LEU C 154 9.77 -51.65 19.08
N HIS C 155 8.71 -52.16 19.70
CA HIS C 155 8.81 -52.55 21.10
C HIS C 155 9.90 -53.59 21.26
N ALA C 156 9.88 -54.61 20.39
CA ALA C 156 10.91 -55.64 20.46
C ALA C 156 12.29 -55.04 20.21
N MET C 157 12.40 -54.18 19.20
CA MET C 157 13.67 -53.54 18.87
C MET C 157 14.25 -52.77 20.03
N LEU C 158 13.39 -52.25 20.89
CA LEU C 158 13.82 -51.46 22.03
C LEU C 158 13.82 -52.31 23.29
N ASP C 159 13.47 -53.58 23.14
CA ASP C 159 13.44 -54.49 24.28
C ASP C 159 12.62 -53.84 25.38
N VAL C 160 11.39 -53.57 25.04
CA VAL C 160 10.49 -52.95 25.97
C VAL C 160 9.84 -54.05 26.77
N LYS C 161 9.72 -53.84 28.08
CA LYS C 161 9.08 -54.82 28.93
C LYS C 161 8.13 -54.07 29.86
N GLY D 1 42.93 21.20 -10.87
CA GLY D 1 43.00 19.87 -10.14
C GLY D 1 41.64 19.37 -9.69
N GLU D 2 41.45 19.29 -8.39
CA GLU D 2 40.18 18.83 -7.83
C GLU D 2 39.32 20.02 -7.41
N LEU D 3 39.97 21.12 -7.06
CA LEU D 3 39.26 22.33 -6.66
C LEU D 3 39.43 23.46 -7.67
N VAL D 4 38.44 24.33 -7.76
CA VAL D 4 38.51 25.44 -8.68
C VAL D 4 38.15 26.71 -7.96
N ARG D 5 38.41 27.83 -8.59
CA ARG D 5 38.13 29.12 -7.99
C ARG D 5 36.73 29.58 -8.38
N THR D 6 35.92 29.97 -7.41
CA THR D 6 34.60 30.45 -7.75
C THR D 6 34.80 31.89 -8.15
N ASP D 7 33.72 32.55 -8.57
CA ASP D 7 33.78 33.94 -8.97
C ASP D 7 33.88 34.82 -7.73
N SER D 8 34.09 34.21 -6.57
CA SER D 8 34.23 34.94 -5.31
C SER D 8 35.64 34.78 -4.79
N PRO D 9 36.20 35.85 -4.24
CA PRO D 9 37.56 35.85 -3.70
C PRO D 9 37.65 35.16 -2.35
N ASN D 10 36.57 34.53 -1.92
CA ASN D 10 36.65 33.90 -0.63
C ASN D 10 36.22 32.45 -0.62
N PHE D 11 36.05 31.87 -1.80
CA PHE D 11 35.61 30.46 -1.88
C PHE D 11 36.07 29.64 -3.10
N LEU D 12 36.27 28.35 -2.87
CA LEU D 12 36.57 27.46 -3.97
C LEU D 12 35.55 26.34 -3.87
N CYS D 13 35.37 25.60 -4.96
CA CYS D 13 34.46 24.49 -4.95
C CYS D 13 35.01 23.45 -5.89
N SER D 14 34.48 22.25 -5.79
CA SER D 14 34.92 21.14 -6.61
C SER D 14 34.69 21.37 -8.09
N VAL D 15 35.47 20.71 -8.93
CA VAL D 15 35.28 20.87 -10.36
C VAL D 15 34.23 19.87 -10.76
N LEU D 16 33.24 20.33 -11.49
CA LEU D 16 32.17 19.45 -11.93
C LEU D 16 32.42 19.02 -13.36
N PRO D 17 31.96 17.82 -13.74
CA PRO D 17 32.16 17.38 -15.13
C PRO D 17 31.50 18.42 -16.04
N THR D 18 31.98 18.62 -17.25
CA THR D 18 31.36 19.65 -18.09
C THR D 18 30.01 19.19 -18.58
N HIS D 19 29.85 17.87 -18.72
CA HIS D 19 28.59 17.30 -19.17
C HIS D 19 28.21 16.16 -18.20
N TRP D 20 26.93 16.07 -17.80
CA TRP D 20 26.45 15.02 -16.89
C TRP D 20 24.99 14.69 -17.08
N ARG D 21 24.62 13.46 -16.74
CA ARG D 21 23.23 12.97 -16.88
C ARG D 21 22.31 13.52 -15.81
N CYS D 22 21.07 13.84 -16.18
CA CYS D 22 20.24 14.38 -15.12
C CYS D 22 19.76 13.33 -14.15
N ASN D 23 19.66 13.78 -12.91
CA ASN D 23 19.24 12.98 -11.78
C ASN D 23 20.27 11.91 -11.38
N LYS D 24 21.43 11.88 -12.05
CA LYS D 24 22.49 10.91 -11.77
C LYS D 24 23.51 11.33 -10.71
N THR D 25 23.92 10.40 -9.85
CA THR D 25 24.91 10.79 -8.84
C THR D 25 26.19 11.32 -9.51
N LEU D 26 26.81 12.33 -8.91
CA LEU D 26 28.01 12.95 -9.48
C LEU D 26 29.30 12.13 -9.35
N PRO D 27 30.25 12.31 -10.29
CA PRO D 27 31.49 11.55 -10.15
C PRO D 27 32.32 11.92 -8.93
N ILE D 28 31.95 12.99 -8.23
CA ILE D 28 32.72 13.36 -7.04
C ILE D 28 31.79 14.01 -6.04
N ALA D 29 32.10 13.95 -4.75
CA ALA D 29 31.23 14.62 -3.80
C ALA D 29 31.54 16.10 -3.94
N PHE D 30 30.51 16.91 -4.17
CA PHE D 30 30.71 18.34 -4.32
C PHE D 30 31.04 18.99 -3.00
N LYS D 31 32.07 19.83 -3.01
CA LYS D 31 32.51 20.55 -1.80
C LYS D 31 32.64 22.02 -2.09
N VAL D 32 32.59 22.81 -1.04
CA VAL D 32 32.76 24.24 -1.15
C VAL D 32 33.71 24.60 -0.03
N VAL D 33 34.80 25.27 -0.36
CA VAL D 33 35.79 25.58 0.65
C VAL D 33 35.98 27.04 0.84
N ALA D 34 35.98 27.46 2.09
CA ALA D 34 36.15 28.89 2.39
C ALA D 34 37.62 29.22 2.59
N LYS D 35 38.13 30.20 1.85
CA LYS D 35 39.52 30.59 2.01
C LYS D 35 39.78 31.34 3.30
N GLY D 36 38.82 31.35 4.21
CA GLY D 36 38.97 32.07 5.45
C GLY D 36 38.02 31.54 6.51
N ASP D 37 38.01 32.15 7.69
CA ASP D 37 37.16 31.71 8.79
C ASP D 37 35.64 31.91 8.58
N VAL D 38 34.91 30.83 8.78
CA VAL D 38 33.46 30.77 8.65
C VAL D 38 33.01 29.87 9.79
N PRO D 39 32.18 30.36 10.69
CA PRO D 39 31.71 29.56 11.82
C PRO D 39 31.08 28.21 11.48
N ASP D 40 31.56 27.14 12.11
CA ASP D 40 30.99 25.82 11.87
C ASP D 40 29.48 25.83 12.04
N GLY D 41 28.79 25.05 11.22
CA GLY D 41 27.35 24.99 11.29
C GLY D 41 26.70 25.91 10.28
N THR D 42 27.45 26.86 9.74
CA THR D 42 26.89 27.78 8.75
C THR D 42 26.35 27.05 7.52
N LEU D 43 25.12 27.36 7.13
CA LEU D 43 24.55 26.69 5.96
C LEU D 43 25.12 27.13 4.64
N VAL D 44 25.03 26.22 3.70
CA VAL D 44 25.50 26.45 2.36
C VAL D 44 24.54 25.75 1.42
N THR D 45 24.13 26.44 0.37
CA THR D 45 23.24 25.83 -0.58
C THR D 45 23.71 26.12 -1.99
N VAL D 46 23.31 25.25 -2.93
CA VAL D 46 23.67 25.45 -4.32
C VAL D 46 22.42 25.61 -5.17
N MET D 47 22.45 26.54 -6.12
CA MET D 47 21.30 26.73 -7.00
C MET D 47 21.84 26.88 -8.40
N ALA D 48 20.99 26.66 -9.39
CA ALA D 48 21.43 26.76 -10.75
C ALA D 48 20.36 27.30 -11.68
N GLY D 49 20.81 27.85 -12.79
CA GLY D 49 19.90 28.39 -13.80
C GLY D 49 20.64 28.98 -14.98
N ASN D 50 19.90 29.42 -15.99
CA ASN D 50 20.47 30.07 -17.15
C ASN D 50 19.41 30.70 -18.07
N ASP D 51 19.85 31.10 -19.26
CA ASP D 51 18.97 31.76 -20.24
C ASP D 51 18.06 30.77 -20.95
N GLU D 52 17.79 29.65 -20.29
CA GLU D 52 16.88 28.65 -20.82
C GLU D 52 16.07 28.15 -19.67
N ASN D 53 16.71 27.53 -18.69
CA ASN D 53 16.01 27.05 -17.52
C ASN D 53 16.40 28.05 -16.44
N TYR D 54 15.54 29.03 -16.17
CA TYR D 54 15.88 30.04 -15.18
C TYR D 54 16.18 29.47 -13.81
N SER D 55 15.63 28.30 -13.51
CA SER D 55 15.93 27.73 -12.23
C SER D 55 15.80 26.22 -12.33
N ALA D 56 16.96 25.55 -12.32
CA ALA D 56 17.05 24.12 -12.43
C ALA D 56 16.62 23.40 -11.17
N GLU D 57 15.92 22.28 -11.35
CA GLU D 57 15.52 21.47 -10.22
C GLU D 57 16.75 20.64 -9.80
N LEU D 58 17.04 20.68 -8.49
CA LEU D 58 18.19 19.98 -7.88
C LEU D 58 17.79 19.05 -6.76
N ARG D 59 18.70 18.18 -6.35
CA ARG D 59 18.46 17.28 -5.22
C ARG D 59 19.63 17.41 -4.25
N ASN D 60 19.32 17.47 -2.96
CA ASN D 60 20.33 17.57 -1.92
C ASN D 60 21.27 18.79 -2.04
N ALA D 61 20.75 19.93 -2.49
CA ALA D 61 21.59 21.09 -2.65
C ALA D 61 21.89 21.82 -1.36
N THR D 62 21.85 21.11 -0.24
CA THR D 62 22.16 21.78 1.01
C THR D 62 23.25 21.07 1.82
N ALA D 63 24.08 21.88 2.49
CA ALA D 63 25.19 21.40 3.30
C ALA D 63 25.59 22.39 4.39
N ALA D 64 26.34 21.91 5.38
CA ALA D 64 26.80 22.79 6.47
C ALA D 64 28.32 22.86 6.53
N MET D 65 28.85 23.99 6.99
CA MET D 65 30.30 24.14 7.10
C MET D 65 30.85 23.41 8.34
N LYS D 66 32.11 22.99 8.21
CA LYS D 66 32.85 22.27 9.25
C LYS D 66 34.30 22.49 8.85
N ASN D 67 35.05 23.21 9.67
CA ASN D 67 36.45 23.52 9.36
C ASN D 67 36.58 24.15 7.97
N GLN D 68 35.69 25.09 7.67
CA GLN D 68 35.69 25.81 6.40
C GLN D 68 35.35 24.98 5.16
N VAL D 69 34.79 23.80 5.38
CA VAL D 69 34.46 22.96 4.25
C VAL D 69 33.01 22.46 4.27
N ALA D 70 32.31 22.63 3.17
CA ALA D 70 30.95 22.14 3.15
C ALA D 70 30.93 20.99 2.15
N ARG D 71 30.62 19.80 2.65
CA ARG D 71 30.61 18.65 1.77
C ARG D 71 29.20 18.22 1.42
N PHE D 72 28.82 18.39 0.16
CA PHE D 72 27.48 17.97 -0.23
C PHE D 72 27.40 16.47 -0.41
N ASN D 73 26.39 15.85 0.15
CA ASN D 73 26.31 14.43 0.01
C ASN D 73 25.29 14.02 -1.05
N ASP D 74 25.75 13.73 -2.25
CA ASP D 74 24.86 13.36 -3.35
C ASP D 74 24.08 14.51 -4.02
N LEU D 75 24.74 15.63 -4.28
CA LEU D 75 24.10 16.74 -4.98
C LEU D 75 23.77 16.20 -6.36
N ARG D 76 22.63 16.57 -6.93
CA ARG D 76 22.32 16.07 -8.26
C ARG D 76 21.55 17.10 -9.01
N PHE D 77 21.66 17.08 -10.33
CA PHE D 77 20.95 18.05 -11.16
C PHE D 77 19.81 17.33 -11.87
N VAL D 78 18.56 17.73 -11.60
CA VAL D 78 17.40 17.12 -12.26
C VAL D 78 17.01 17.89 -13.53
N GLY D 79 17.03 19.23 -13.42
CA GLY D 79 16.69 20.08 -14.54
C GLY D 79 17.73 20.08 -15.65
N ARG D 80 17.32 20.22 -16.91
CA ARG D 80 18.29 20.21 -17.98
C ARG D 80 18.75 21.63 -18.29
N SER D 81 19.94 21.76 -18.86
CA SER D 81 20.44 23.09 -19.18
C SER D 81 20.10 23.53 -20.60
N GLY D 82 19.82 22.57 -21.48
CA GLY D 82 19.48 22.93 -22.84
C GLY D 82 20.63 22.64 -23.77
N ARG D 83 20.32 22.16 -24.98
CA ARG D 83 21.35 21.85 -25.97
C ARG D 83 22.48 22.90 -25.97
N GLY D 84 23.71 22.42 -25.98
CA GLY D 84 24.84 23.32 -25.98
C GLY D 84 25.01 24.23 -24.78
N LYS D 85 23.94 24.62 -24.12
CA LYS D 85 24.06 25.50 -22.97
C LYS D 85 24.48 24.76 -21.66
N SER D 86 24.98 25.50 -20.67
CA SER D 86 25.38 24.92 -19.39
C SER D 86 24.79 25.79 -18.26
N PHE D 87 24.77 25.29 -17.04
CA PHE D 87 24.21 26.02 -15.89
C PHE D 87 25.23 26.92 -15.23
N THR D 88 24.74 27.92 -14.51
CA THR D 88 25.64 28.76 -13.77
C THR D 88 25.22 28.52 -12.33
N LEU D 89 26.15 28.09 -11.50
CA LEU D 89 25.79 27.80 -10.13
C LEU D 89 25.76 29.05 -9.25
N THR D 90 24.97 28.97 -8.20
CA THR D 90 24.94 30.07 -7.27
C THR D 90 25.15 29.49 -5.90
N ILE D 91 26.37 29.65 -5.39
CA ILE D 91 26.71 29.15 -4.08
C ILE D 91 26.41 30.26 -3.07
N THR D 92 25.72 29.91 -2.00
CA THR D 92 25.38 30.91 -1.00
C THR D 92 25.81 30.44 0.39
N VAL D 93 26.65 31.21 1.07
CA VAL D 93 27.10 30.82 2.42
C VAL D 93 26.36 31.72 3.39
N PHE D 94 25.49 31.11 4.19
CA PHE D 94 24.65 31.87 5.11
C PHE D 94 25.28 32.46 6.35
N THR D 95 26.26 33.31 6.08
CA THR D 95 26.93 34.04 7.12
C THR D 95 26.05 35.27 7.28
N ASN D 96 26.50 36.24 8.04
CA ASN D 96 25.71 37.44 8.25
C ASN D 96 26.53 38.68 7.96
N PRO D 97 26.24 39.35 6.83
CA PRO D 97 25.19 38.97 5.89
C PRO D 97 25.70 37.80 5.04
N PRO D 98 24.83 37.26 4.18
CA PRO D 98 25.19 36.13 3.31
C PRO D 98 26.27 36.43 2.29
N GLN D 99 27.03 35.41 1.92
CA GLN D 99 28.05 35.58 0.90
C GLN D 99 27.68 34.70 -0.28
N VAL D 100 27.63 35.30 -1.46
CA VAL D 100 27.27 34.57 -2.66
C VAL D 100 28.41 34.51 -3.64
N ALA D 101 28.62 33.32 -4.21
CA ALA D 101 29.69 33.12 -5.18
C ALA D 101 29.15 32.33 -6.35
N THR D 102 29.21 32.90 -7.55
CA THR D 102 28.74 32.21 -8.75
C THR D 102 29.85 31.37 -9.37
N TYR D 103 29.44 30.44 -10.22
CA TYR D 103 30.35 29.52 -10.91
C TYR D 103 29.74 29.38 -12.31
N HIS D 104 30.23 30.21 -13.24
CA HIS D 104 29.73 30.23 -14.62
C HIS D 104 30.17 29.08 -15.50
N ARG D 105 29.26 28.63 -16.36
CA ARG D 105 29.50 27.50 -17.28
C ARG D 105 30.03 26.36 -16.45
N ALA D 106 29.34 26.04 -15.37
CA ALA D 106 29.82 24.97 -14.51
C ALA D 106 29.44 23.58 -15.00
N ILE D 107 28.28 23.42 -15.62
CA ILE D 107 27.94 22.07 -16.05
C ILE D 107 26.76 21.94 -17.01
N LYS D 108 26.87 21.05 -17.99
CA LYS D 108 25.76 20.84 -18.91
C LYS D 108 24.95 19.60 -18.45
N ILE D 109 23.63 19.73 -18.38
CA ILE D 109 22.81 18.61 -17.96
C ILE D 109 21.79 18.25 -19.03
N THR D 110 21.81 16.97 -19.40
CA THR D 110 20.95 16.41 -20.44
C THR D 110 20.41 15.03 -20.03
N VAL D 111 19.37 14.59 -20.72
CA VAL D 111 18.75 13.32 -20.43
C VAL D 111 19.72 12.13 -20.45
N ASP D 112 20.71 12.15 -21.33
CA ASP D 112 21.65 11.03 -21.43
C ASP D 112 22.99 11.28 -20.76
N GLY D 113 23.41 12.53 -20.80
CA GLY D 113 24.71 12.88 -20.26
C GLY D 113 25.78 12.34 -21.20
N PRO D 114 27.02 12.23 -20.72
CA PRO D 114 28.10 11.72 -21.56
C PRO D 114 27.94 10.24 -21.89
N ARG D 115 27.82 9.90 -23.16
CA ARG D 115 27.70 8.48 -23.53
C ARG D 115 28.62 8.09 -24.69
N GLU D 116 28.93 6.79 -24.76
CA GLU D 116 29.80 6.23 -25.79
C GLU D 116 29.27 6.56 -27.19
N PRO D 117 30.18 6.91 -28.12
CA PRO D 117 29.80 7.24 -29.50
C PRO D 117 28.96 6.13 -30.12
N ARG D 118 28.03 6.51 -30.99
CA ARG D 118 27.17 5.53 -31.63
C ARG D 118 27.51 5.40 -33.12
N PRO E 2 39.80 36.47 1.42
CA PRO E 2 39.26 37.86 1.47
C PRO E 2 37.77 37.89 1.14
N ARG E 3 36.95 38.44 2.04
CA ARG E 3 35.52 38.48 1.81
C ARG E 3 35.16 39.41 0.68
N VAL E 4 36.11 40.21 0.22
CA VAL E 4 35.84 41.14 -0.88
C VAL E 4 37.07 41.38 -1.72
N VAL E 5 36.85 41.96 -2.88
CA VAL E 5 37.93 42.27 -3.80
C VAL E 5 38.55 43.61 -3.42
N PRO E 6 39.73 43.91 -3.99
CA PRO E 6 40.39 45.19 -3.68
C PRO E 6 39.64 46.43 -4.19
N ASP E 7 38.67 46.23 -5.10
CA ASP E 7 37.92 47.35 -5.67
C ASP E 7 36.47 47.01 -5.98
N GLN E 8 35.64 46.94 -4.95
CA GLN E 8 34.23 46.61 -5.17
C GLN E 8 33.59 47.46 -6.28
N ARG E 9 33.68 48.78 -6.15
CA ARG E 9 33.10 49.73 -7.11
C ARG E 9 33.54 49.47 -8.54
N SER E 10 34.84 49.33 -8.73
CA SER E 10 35.41 49.09 -10.04
C SER E 10 34.83 47.82 -10.65
N LYS E 11 34.87 46.72 -9.91
CA LYS E 11 34.36 45.43 -10.41
C LYS E 11 32.84 45.46 -10.68
N PHE E 12 32.09 46.16 -9.85
CA PHE E 12 30.64 46.23 -10.03
C PHE E 12 30.25 47.05 -11.24
N GLU E 13 31.14 47.96 -11.64
CA GLU E 13 30.87 48.83 -12.77
C GLU E 13 31.34 48.30 -14.11
N ASN E 14 32.47 47.60 -14.11
CA ASN E 14 33.02 47.06 -15.34
C ASN E 14 32.54 45.64 -15.68
N GLU E 15 32.30 44.82 -14.65
CA GLU E 15 31.84 43.44 -14.84
C GLU E 15 30.47 43.34 -15.49
N GLU E 16 30.40 42.64 -16.62
CA GLU E 16 29.14 42.47 -17.32
C GLU E 16 28.08 41.83 -16.42
N PHE E 17 28.45 40.72 -15.78
CA PHE E 17 27.55 39.98 -14.88
C PHE E 17 26.72 40.87 -13.98
N PHE E 18 27.37 41.88 -13.40
CA PHE E 18 26.71 42.83 -12.50
C PHE E 18 25.76 43.77 -13.24
N ARG E 19 26.28 44.53 -14.20
CA ARG E 19 25.45 45.47 -14.92
C ARG E 19 24.14 44.88 -15.45
N LYS E 20 24.17 43.68 -16.00
CA LYS E 20 22.94 43.11 -16.53
C LYS E 20 21.91 42.93 -15.41
N LEU E 21 22.39 43.04 -14.18
CA LEU E 21 21.54 42.90 -13.00
C LEU E 21 21.34 44.27 -12.31
N SER E 22 22.05 45.29 -12.80
CA SER E 22 21.95 46.64 -12.25
C SER E 22 20.63 47.29 -12.67
N ARG E 23 20.24 47.07 -13.92
CA ARG E 23 19.00 47.64 -14.45
C ARG E 23 17.81 46.77 -14.07
N GLU E 24 16.78 47.41 -13.52
CA GLU E 24 15.57 46.69 -13.12
C GLU E 24 15.13 45.70 -14.20
N CYS E 25 14.82 44.47 -13.78
CA CYS E 25 14.38 43.42 -14.70
C CYS E 25 13.53 42.36 -14.02
N GLU E 26 12.99 41.45 -14.84
CA GLU E 26 12.12 40.38 -14.38
C GLU E 26 12.76 39.36 -13.42
N ILE E 27 12.04 39.09 -12.35
CA ILE E 27 12.46 38.17 -11.29
C ILE E 27 11.29 37.26 -10.94
N LYS E 28 11.59 36.11 -10.37
CA LYS E 28 10.54 35.19 -10.01
C LYS E 28 10.91 34.34 -8.78
N TYR E 29 9.89 33.99 -8.00
CA TYR E 29 10.07 33.18 -6.80
C TYR E 29 10.38 31.81 -7.32
N THR E 30 11.28 31.10 -6.67
CA THR E 30 11.68 29.77 -7.15
C THR E 30 11.51 28.70 -6.11
N GLY E 31 10.96 29.06 -4.96
CA GLY E 31 10.79 28.08 -3.90
C GLY E 31 9.62 27.14 -4.11
N PHE E 32 9.80 25.88 -3.71
CA PHE E 32 8.77 24.85 -3.85
C PHE E 32 8.05 24.86 -5.20
N ARG E 33 8.78 24.68 -6.30
CA ARG E 33 8.18 24.68 -7.63
C ARG E 33 7.20 23.52 -7.86
N ASP E 34 7.40 22.42 -7.15
CA ASP E 34 6.52 21.28 -7.33
C ASP E 34 5.39 21.30 -6.32
N ARG E 35 4.89 22.50 -6.01
CA ARG E 35 3.81 22.61 -5.05
C ARG E 35 2.67 23.45 -5.59
N PRO E 36 1.43 23.16 -5.15
CA PRO E 36 0.26 23.92 -5.60
C PRO E 36 0.48 25.43 -5.41
N HIS E 37 0.02 26.21 -6.37
CA HIS E 37 0.18 27.65 -6.31
C HIS E 37 -0.24 28.25 -4.97
N GLU E 38 -1.22 27.63 -4.31
CA GLU E 38 -1.71 28.10 -3.01
C GLU E 38 -0.62 27.96 -1.95
N GLU E 39 0.00 26.78 -1.88
CA GLU E 39 1.07 26.55 -0.92
C GLU E 39 2.26 27.44 -1.27
N ARG E 40 2.56 27.61 -2.55
CA ARG E 40 3.68 28.45 -2.93
C ARG E 40 3.46 29.89 -2.50
N GLN E 41 2.19 30.30 -2.48
CA GLN E 41 1.82 31.65 -2.09
C GLN E 41 1.87 31.83 -0.57
N THR E 42 1.36 30.85 0.17
CA THR E 42 1.39 30.96 1.61
C THR E 42 2.85 30.89 2.06
N ARG E 43 3.57 29.92 1.51
CA ARG E 43 4.96 29.74 1.88
C ARG E 43 5.76 31.01 1.63
N PHE E 44 5.63 31.56 0.44
CA PHE E 44 6.39 32.75 0.13
C PHE E 44 6.16 33.91 1.07
N GLN E 45 4.90 34.21 1.35
CA GLN E 45 4.57 35.31 2.24
C GLN E 45 5.13 35.10 3.65
N ASN E 46 4.75 34.02 4.31
CA ASN E 46 5.28 33.80 5.66
C ASN E 46 6.80 33.84 5.63
N ALA E 47 7.39 33.44 4.51
CA ALA E 47 8.84 33.46 4.37
C ALA E 47 9.36 34.89 4.47
N CYS E 48 8.79 35.78 3.67
CA CYS E 48 9.20 37.17 3.68
C CYS E 48 9.00 37.79 5.06
N ARG E 49 7.90 37.41 5.73
CA ARG E 49 7.61 37.89 7.06
C ARG E 49 8.76 37.51 7.98
N ASP E 50 9.36 36.37 7.70
CA ASP E 50 10.47 35.87 8.49
C ASP E 50 11.76 36.58 8.09
N GLY E 51 11.87 36.96 6.82
CA GLY E 51 13.07 37.67 6.40
C GLY E 51 13.88 36.96 5.33
N ARG E 52 13.29 35.96 4.70
CA ARG E 52 13.99 35.21 3.66
C ARG E 52 13.11 34.84 2.48
N SER E 53 13.76 34.49 1.37
CA SER E 53 13.09 34.08 0.15
C SER E 53 14.09 33.74 -0.95
N GLU E 54 13.62 33.01 -1.96
CA GLU E 54 14.43 32.61 -3.09
C GLU E 54 13.93 33.24 -4.38
N ILE E 55 14.60 34.26 -4.85
CA ILE E 55 14.17 34.87 -6.09
C ILE E 55 15.26 34.61 -7.11
N ALA E 56 14.92 34.68 -8.39
CA ALA E 56 15.91 34.46 -9.44
C ALA E 56 15.64 35.39 -10.62
N PHE E 57 16.68 36.00 -11.15
CA PHE E 57 16.50 36.86 -12.30
C PHE E 57 16.17 35.99 -13.53
N VAL E 58 14.88 35.86 -13.84
CA VAL E 58 14.41 35.05 -14.97
C VAL E 58 15.23 35.15 -16.26
N ALA E 59 15.57 36.37 -16.66
CA ALA E 59 16.32 36.56 -17.88
C ALA E 59 17.64 35.84 -17.93
N THR E 60 18.48 36.12 -16.94
CA THR E 60 19.79 35.53 -16.90
C THR E 60 19.86 34.17 -16.23
N GLY E 61 18.85 33.86 -15.43
CA GLY E 61 18.83 32.59 -14.74
C GLY E 61 19.74 32.66 -13.52
N THR E 62 20.02 33.85 -13.07
CA THR E 62 20.87 33.98 -11.91
C THR E 62 20.05 33.85 -10.65
N ASN E 63 20.08 32.69 -10.00
CA ASN E 63 19.27 32.53 -8.78
C ASN E 63 19.98 33.13 -7.59
N LEU E 64 19.21 33.47 -6.55
CA LEU E 64 19.76 34.07 -5.33
C LEU E 64 18.89 33.76 -4.12
N SER E 65 19.52 33.57 -2.97
CA SER E 65 18.80 33.31 -1.73
C SER E 65 18.93 34.64 -1.02
N LEU E 66 17.81 35.28 -0.73
CA LEU E 66 17.83 36.59 -0.10
C LEU E 66 17.56 36.58 1.40
N GLN E 67 18.20 37.49 2.12
CA GLN E 67 17.94 37.59 3.54
C GLN E 67 17.66 39.05 3.79
N PHE E 68 16.41 39.35 4.19
CA PHE E 68 15.97 40.74 4.40
C PHE E 68 16.26 41.26 5.81
N PHE E 69 17.48 41.72 6.00
CA PHE E 69 17.93 42.24 7.28
C PHE E 69 19.15 43.12 7.05
N PRO E 70 19.39 44.06 7.97
CA PRO E 70 20.54 44.95 7.84
C PRO E 70 21.81 44.19 8.24
N ALA E 71 22.92 44.42 7.54
CA ALA E 71 24.14 43.70 7.88
C ALA E 71 24.50 43.87 9.37
N PRO E 81 11.05 39.79 12.40
CA PRO E 81 11.37 41.16 12.83
C PRO E 81 12.08 41.97 11.74
N SER E 82 11.33 42.80 11.02
CA SER E 82 11.92 43.59 9.93
C SER E 82 10.91 44.65 9.48
N ARG E 83 11.33 45.67 8.71
CA ARG E 83 10.37 46.70 8.26
C ARG E 83 10.70 47.48 6.97
N GLU E 84 11.89 48.06 6.92
CA GLU E 84 12.33 48.83 5.75
C GLU E 84 12.85 47.86 4.69
N TYR E 85 12.98 46.59 5.08
CA TYR E 85 13.49 45.54 4.20
C TYR E 85 12.34 44.75 3.58
N VAL E 86 11.28 44.57 4.35
CA VAL E 86 10.12 43.86 3.85
C VAL E 86 8.91 44.78 4.00
N ASP E 87 8.55 45.46 2.91
CA ASP E 87 7.42 46.41 2.89
C ASP E 87 6.17 45.79 2.26
N LEU E 88 5.03 45.91 2.95
CA LEU E 88 3.77 45.38 2.42
C LEU E 88 2.72 46.49 2.36
N GLU E 89 3.17 47.74 2.42
CA GLU E 89 2.27 48.90 2.36
C GLU E 89 2.37 49.66 1.05
N ARG E 90 3.60 49.89 0.59
CA ARG E 90 3.82 50.62 -0.66
C ARG E 90 2.93 50.20 -1.82
N GLU E 91 2.07 49.21 -1.60
CA GLU E 91 1.16 48.73 -2.63
C GLU E 91 0.37 47.53 -2.13
N ALA E 92 -0.74 47.24 -2.80
CA ALA E 92 -1.57 46.12 -2.38
C ALA E 92 -1.22 44.88 -3.18
N GLY E 93 -1.32 43.71 -2.53
CA GLY E 93 -1.03 42.45 -3.20
C GLY E 93 0.41 42.21 -3.59
N LYS E 94 1.33 42.94 -2.98
CA LYS E 94 2.75 42.78 -3.27
C LYS E 94 3.64 43.24 -2.11
N VAL E 95 4.95 42.97 -2.21
CA VAL E 95 5.92 43.38 -1.18
C VAL E 95 7.25 43.84 -1.77
N TYR E 96 7.74 44.98 -1.27
CA TYR E 96 9.00 45.55 -1.71
C TYR E 96 10.10 45.01 -0.79
N LEU E 97 10.93 44.14 -1.36
CA LEU E 97 11.98 43.50 -0.62
C LEU E 97 13.34 44.16 -0.79
N LYS E 98 14.12 44.12 0.29
CA LYS E 98 15.47 44.68 0.33
C LYS E 98 16.39 43.66 1.05
N ALA E 99 17.58 43.39 0.50
CA ALA E 99 18.48 42.44 1.15
C ALA E 99 19.93 42.64 0.76
N PRO E 100 20.78 42.93 1.74
CA PRO E 100 22.21 43.16 1.50
C PRO E 100 22.96 41.82 1.40
N MET E 101 24.04 41.78 0.64
CA MET E 101 24.84 40.57 0.50
C MET E 101 26.16 40.91 -0.15
N ILE E 102 27.06 39.93 -0.21
CA ILE E 102 28.34 40.12 -0.86
C ILE E 102 28.38 39.17 -2.04
N LEU E 103 28.08 39.69 -3.23
CA LEU E 103 28.04 38.89 -4.45
C LEU E 103 29.40 38.93 -5.10
N ASN E 104 30.06 37.78 -5.18
CA ASN E 104 31.39 37.67 -5.77
C ASN E 104 32.39 38.73 -5.26
N GLY E 105 32.43 38.92 -3.95
CA GLY E 105 33.35 39.88 -3.36
C GLY E 105 32.96 41.34 -3.47
N VAL E 106 31.70 41.60 -3.79
CA VAL E 106 31.20 42.96 -3.95
C VAL E 106 30.00 43.19 -3.06
N CYS E 107 30.16 43.99 -2.00
CA CYS E 107 29.03 44.28 -1.10
C CYS E 107 27.93 44.99 -1.88
N VAL E 108 26.82 44.30 -2.11
CA VAL E 108 25.76 44.90 -2.87
C VAL E 108 24.42 44.84 -2.11
N ILE E 109 23.38 45.42 -2.70
CA ILE E 109 22.05 45.46 -2.11
C ILE E 109 21.07 45.01 -3.16
N TRP E 110 20.14 44.15 -2.76
CA TRP E 110 19.13 43.64 -3.69
C TRP E 110 17.80 44.29 -3.40
N LYS E 111 17.23 44.96 -4.40
CA LYS E 111 15.92 45.61 -4.22
C LYS E 111 14.94 45.17 -5.31
N GLY E 112 13.71 44.88 -4.91
CA GLY E 112 12.72 44.48 -5.88
C GLY E 112 11.38 44.27 -5.20
N TRP E 113 10.36 43.96 -5.99
CA TRP E 113 9.03 43.71 -5.44
C TRP E 113 8.45 42.47 -6.07
N ILE E 114 7.51 41.85 -5.39
CA ILE E 114 6.90 40.63 -5.88
C ILE E 114 5.39 40.63 -5.62
N ASP E 115 4.63 40.14 -6.60
CA ASP E 115 3.19 40.07 -6.48
C ASP E 115 2.77 38.90 -5.61
N LEU E 116 2.25 39.18 -4.42
CA LEU E 116 1.86 38.10 -3.54
C LEU E 116 0.94 37.08 -4.14
N HIS E 117 0.49 37.28 -5.38
CA HIS E 117 -0.41 36.30 -6.00
C HIS E 117 0.23 35.57 -7.16
N ARG E 118 1.04 36.28 -7.93
CA ARG E 118 1.70 35.70 -9.08
C ARG E 118 3.13 35.24 -8.75
N LEU E 119 3.56 35.47 -7.53
CA LEU E 119 4.88 35.12 -7.06
C LEU E 119 5.96 35.54 -8.06
N ASP E 120 5.91 36.78 -8.51
CA ASP E 120 6.91 37.31 -9.43
C ASP E 120 6.97 38.84 -9.40
N GLY E 121 7.73 39.44 -10.29
CA GLY E 121 7.79 40.88 -10.28
C GLY E 121 9.06 41.45 -10.88
N MET E 122 9.49 42.56 -10.32
CA MET E 122 10.71 43.20 -10.80
C MET E 122 11.65 43.35 -9.63
N GLY E 123 12.91 43.60 -9.94
CA GLY E 123 13.92 43.77 -8.93
C GLY E 123 15.24 44.01 -9.61
N CYS E 124 16.28 44.25 -8.82
CA CYS E 124 17.60 44.47 -9.39
C CYS E 124 18.66 44.62 -8.30
N LEU E 125 19.91 44.80 -8.75
CA LEU E 125 21.03 44.98 -7.85
C LEU E 125 21.36 46.46 -7.72
N GLU E 126 22.19 46.80 -6.75
CA GLU E 126 22.53 48.19 -6.48
C GLU E 126 23.74 48.15 -5.58
N PHE E 127 24.83 48.81 -6.01
CA PHE E 127 26.05 48.82 -5.22
C PHE E 127 25.86 49.40 -3.83
N ASP E 128 26.53 48.83 -2.84
CA ASP E 128 26.41 49.29 -1.46
C ASP E 128 27.69 50.00 -1.00
N GLU E 129 27.79 51.29 -1.31
CA GLU E 129 28.97 52.10 -0.96
C GLU E 129 29.43 51.94 0.49
N GLU E 130 28.52 52.18 1.42
CA GLU E 130 28.82 52.10 2.84
C GLU E 130 29.40 50.75 3.28
N ARG E 131 28.64 49.68 3.03
CA ARG E 131 29.10 48.35 3.40
C ARG E 131 30.44 48.02 2.74
N ALA E 132 30.57 48.33 1.45
CA ALA E 132 31.82 48.05 0.74
C ALA E 132 32.99 48.67 1.50
N GLN E 133 32.71 49.81 2.11
CA GLN E 133 33.71 50.55 2.86
C GLN E 133 34.12 49.77 4.12
N GLN E 134 33.16 49.61 5.04
CA GLN E 134 33.41 48.91 6.28
C GLN E 134 34.08 47.56 6.08
N GLU E 135 33.71 46.88 5.01
CA GLU E 135 34.28 45.55 4.71
C GLU E 135 35.71 45.66 4.17
N ASP E 136 35.89 46.58 3.25
CA ASP E 136 37.20 46.80 2.67
C ASP E 136 38.16 47.25 3.75
N ALA E 137 37.62 47.91 4.76
CA ALA E 137 38.43 48.38 5.87
C ALA E 137 39.01 47.19 6.63
N LEU E 138 38.21 46.14 6.79
CA LEU E 138 38.65 44.96 7.51
C LEU E 138 39.66 44.13 6.73
N ALA E 139 40.66 44.81 6.19
CA ALA E 139 41.70 44.14 5.41
C ALA E 139 42.91 45.09 5.27
N PRO F 58 6.34 6.22 -34.94
CA PRO F 58 7.22 5.68 -33.87
C PRO F 58 7.25 4.14 -33.89
N PRO F 59 8.32 3.53 -33.36
CA PRO F 59 8.41 2.07 -33.34
C PRO F 59 7.22 1.44 -32.62
N ILE F 60 7.27 1.39 -31.28
CA ILE F 60 6.18 0.83 -30.47
C ILE F 60 6.52 0.74 -28.98
N GLN F 61 5.51 0.91 -28.13
CA GLN F 61 5.71 0.81 -26.69
C GLN F 61 5.11 -0.48 -26.16
N LEU F 62 5.16 -0.68 -24.85
CA LEU F 62 4.61 -1.88 -24.24
C LEU F 62 3.09 -1.79 -24.07
N TRP F 63 2.61 -0.71 -23.47
CA TRP F 63 1.17 -0.57 -23.26
C TRP F 63 0.41 -0.67 -24.57
N GLN F 64 1.11 -0.52 -25.68
CA GLN F 64 0.49 -0.62 -26.99
C GLN F 64 0.47 -2.06 -27.47
N PHE F 65 1.62 -2.72 -27.46
CA PHE F 65 1.72 -4.10 -27.88
C PHE F 65 0.71 -4.98 -27.15
N LEU F 66 0.57 -4.75 -25.85
CA LEU F 66 -0.36 -5.53 -25.05
C LEU F 66 -1.79 -5.25 -25.46
N LEU F 67 -2.10 -4.00 -25.76
CA LEU F 67 -3.45 -3.62 -26.17
C LEU F 67 -3.83 -4.29 -27.49
N GLU F 68 -2.82 -4.77 -28.24
CA GLU F 68 -3.06 -5.46 -29.50
C GLU F 68 -3.31 -6.93 -29.22
N LEU F 69 -2.43 -7.52 -28.43
CA LEU F 69 -2.57 -8.92 -28.06
C LEU F 69 -3.93 -9.16 -27.39
N LEU F 70 -4.46 -8.13 -26.73
CA LEU F 70 -5.76 -8.24 -26.05
C LEU F 70 -6.92 -8.25 -27.04
N THR F 71 -6.83 -7.41 -28.06
CA THR F 71 -7.86 -7.32 -29.09
C THR F 71 -7.73 -8.41 -30.16
N ASP F 72 -6.68 -9.22 -30.08
CA ASP F 72 -6.46 -10.31 -31.05
C ASP F 72 -6.94 -11.61 -30.40
N LYS F 73 -8.12 -12.06 -30.78
CA LYS F 73 -8.70 -13.28 -30.21
C LYS F 73 -7.79 -14.51 -30.30
N SER F 74 -6.81 -14.47 -31.20
CA SER F 74 -5.88 -15.59 -31.40
C SER F 74 -5.04 -15.88 -30.15
N CYS F 75 -4.89 -14.88 -29.27
CA CYS F 75 -4.11 -15.01 -28.05
C CYS F 75 -4.96 -14.85 -26.78
N GLN F 76 -5.88 -15.79 -26.55
CA GLN F 76 -6.73 -15.71 -25.36
C GLN F 76 -6.22 -16.59 -24.24
N SER F 77 -5.59 -17.70 -24.61
CA SER F 77 -5.05 -18.63 -23.63
C SER F 77 -3.75 -18.09 -23.05
N PHE F 78 -3.36 -16.88 -23.45
CA PHE F 78 -2.12 -16.27 -22.96
C PHE F 78 -2.39 -14.94 -22.26
N ILE F 79 -3.47 -14.27 -22.65
CA ILE F 79 -3.81 -13.00 -22.05
C ILE F 79 -5.24 -12.62 -22.37
N SER F 80 -6.06 -12.48 -21.34
CA SER F 80 -7.46 -12.13 -21.51
C SER F 80 -7.82 -10.85 -20.76
N TRP F 81 -9.09 -10.70 -20.40
CA TRP F 81 -9.56 -9.53 -19.68
C TRP F 81 -10.27 -9.91 -18.37
N THR F 82 -10.91 -8.92 -17.75
CA THR F 82 -11.62 -9.13 -16.50
C THR F 82 -12.97 -8.44 -16.56
N GLY F 83 -13.09 -7.51 -17.50
CA GLY F 83 -14.34 -6.80 -17.65
C GLY F 83 -14.54 -5.68 -16.66
N ASP F 84 -13.67 -5.59 -15.65
CA ASP F 84 -13.80 -4.53 -14.66
C ASP F 84 -13.25 -3.22 -15.21
N GLY F 85 -14.14 -2.37 -15.73
CA GLY F 85 -13.71 -1.11 -16.31
C GLY F 85 -12.79 -1.33 -17.48
N TRP F 86 -11.48 -1.34 -17.22
CA TRP F 86 -10.47 -1.55 -18.26
C TRP F 86 -9.46 -2.60 -17.82
N GLU F 87 -9.73 -3.22 -16.67
CA GLU F 87 -8.85 -4.24 -16.11
C GLU F 87 -8.62 -5.40 -17.07
N PHE F 88 -7.49 -6.08 -16.89
CA PHE F 88 -7.13 -7.23 -17.71
C PHE F 88 -6.13 -8.12 -16.96
N LYS F 89 -6.19 -9.42 -17.24
CA LYS F 89 -5.31 -10.39 -16.59
C LYS F 89 -4.36 -11.05 -17.57
N LEU F 90 -3.17 -11.37 -17.11
CA LEU F 90 -2.18 -12.02 -17.97
C LEU F 90 -2.14 -13.51 -17.69
N SER F 91 -3.03 -14.26 -18.32
CA SER F 91 -3.12 -15.71 -18.14
C SER F 91 -1.74 -16.39 -18.13
N ASP F 92 -0.85 -15.94 -19.00
CA ASP F 92 0.48 -16.51 -19.07
C ASP F 92 1.54 -15.47 -19.37
N PRO F 93 2.49 -15.26 -18.44
CA PRO F 93 3.56 -14.29 -18.63
C PRO F 93 4.64 -14.74 -19.62
N ASP F 94 5.22 -15.93 -19.41
CA ASP F 94 6.26 -16.42 -20.30
C ASP F 94 5.93 -16.24 -21.76
N GLU F 95 4.64 -16.31 -22.07
CA GLU F 95 4.18 -16.16 -23.45
C GLU F 95 4.49 -14.74 -23.94
N VAL F 96 3.67 -13.78 -23.49
CA VAL F 96 3.85 -12.40 -23.89
C VAL F 96 5.32 -12.00 -23.70
N ALA F 97 5.99 -12.61 -22.73
CA ALA F 97 7.39 -12.31 -22.47
C ALA F 97 8.27 -12.54 -23.69
N ARG F 98 7.80 -13.36 -24.62
CA ARG F 98 8.57 -13.62 -25.84
C ARG F 98 7.86 -13.08 -27.07
N ARG F 99 6.56 -12.80 -26.90
CA ARG F 99 5.76 -12.24 -27.98
C ARG F 99 6.31 -10.83 -28.16
N TRP F 100 6.73 -10.25 -27.03
CA TRP F 100 7.31 -8.93 -26.99
C TRP F 100 8.83 -9.04 -27.16
N GLY F 101 9.40 -10.12 -26.63
CA GLY F 101 10.83 -10.33 -26.73
C GLY F 101 11.27 -10.55 -28.16
N LYS F 102 10.31 -10.52 -29.07
CA LYS F 102 10.62 -10.71 -30.48
C LYS F 102 10.24 -9.45 -31.21
N ARG F 103 9.03 -8.96 -30.95
CA ARG F 103 8.55 -7.74 -31.60
C ARG F 103 9.58 -6.62 -31.45
N LYS F 104 10.41 -6.71 -30.42
CA LYS F 104 11.45 -5.71 -30.15
C LYS F 104 12.82 -6.22 -30.58
N ASN F 105 12.89 -7.49 -30.95
CA ASN F 105 14.15 -8.10 -31.34
C ASN F 105 15.12 -8.15 -30.18
N LYS F 106 14.59 -8.60 -29.04
CA LYS F 106 15.36 -8.72 -27.82
C LYS F 106 15.10 -10.11 -27.25
N PRO F 107 15.90 -11.10 -27.69
CA PRO F 107 15.80 -12.49 -27.26
C PRO F 107 15.63 -12.69 -25.75
N LYS F 108 16.66 -12.32 -24.99
CA LYS F 108 16.66 -12.50 -23.54
C LYS F 108 15.47 -11.89 -22.81
N MET F 109 14.49 -11.37 -23.54
CA MET F 109 13.32 -10.76 -22.91
C MET F 109 12.43 -11.75 -22.20
N ASN F 110 12.03 -11.41 -20.97
CA ASN F 110 11.15 -12.26 -20.17
C ASN F 110 10.20 -11.42 -19.31
N TYR F 111 9.39 -12.07 -18.49
CA TYR F 111 8.43 -11.33 -17.66
C TYR F 111 9.14 -10.45 -16.64
N GLU F 112 10.28 -10.91 -16.15
CA GLU F 112 11.06 -10.15 -15.17
C GLU F 112 11.41 -8.77 -15.72
N LYS F 113 11.90 -8.73 -16.95
CA LYS F 113 12.26 -7.48 -17.59
C LYS F 113 11.03 -6.72 -18.08
N LEU F 114 10.02 -7.43 -18.56
CA LEU F 114 8.81 -6.77 -19.05
C LEU F 114 8.05 -6.11 -17.92
N SER F 115 8.03 -6.78 -16.77
CA SER F 115 7.32 -6.26 -15.61
C SER F 115 7.83 -4.88 -15.23
N ARG F 116 9.16 -4.73 -15.22
CA ARG F 116 9.77 -3.44 -14.92
C ARG F 116 9.18 -2.40 -15.87
N GLY F 117 9.18 -2.72 -17.16
CA GLY F 117 8.62 -1.83 -18.16
C GLY F 117 7.23 -1.37 -17.76
N LEU F 118 6.47 -2.30 -17.20
CA LEU F 118 5.12 -1.99 -16.75
C LEU F 118 5.15 -1.08 -15.53
N ARG F 119 6.03 -1.39 -14.57
CA ARG F 119 6.13 -0.57 -13.37
C ARG F 119 6.43 0.90 -13.71
N TYR F 120 7.13 1.12 -14.82
CA TYR F 120 7.43 2.49 -15.25
C TYR F 120 6.15 3.26 -15.52
N TYR F 121 5.07 2.57 -15.88
CA TYR F 121 3.78 3.24 -16.19
C TYR F 121 3.02 3.73 -14.97
N TYR F 122 3.31 3.13 -13.82
CA TYR F 122 2.64 3.51 -12.59
C TYR F 122 2.50 5.02 -12.45
N ASP F 123 3.61 5.73 -12.24
CA ASP F 123 3.49 7.18 -12.08
C ASP F 123 3.12 7.85 -13.38
N LYS F 124 3.29 7.17 -14.51
CA LYS F 124 2.94 7.77 -15.79
C LYS F 124 1.42 7.76 -15.95
N ASN F 125 0.75 7.10 -15.01
CA ASN F 125 -0.71 6.97 -15.03
C ASN F 125 -1.22 6.42 -16.34
N ILE F 126 -0.68 5.25 -16.68
CA ILE F 126 -1.04 4.56 -17.90
C ILE F 126 -1.46 3.13 -17.55
N ILE F 127 -0.77 2.52 -16.60
CA ILE F 127 -1.11 1.16 -16.19
C ILE F 127 -0.72 0.93 -14.73
N HIS F 128 -1.68 0.45 -13.93
CA HIS F 128 -1.41 0.14 -12.54
C HIS F 128 -1.49 -1.36 -12.37
N LYS F 129 -1.20 -1.84 -11.17
CA LYS F 129 -1.27 -3.26 -10.90
C LYS F 129 -2.29 -3.51 -9.80
N THR F 130 -3.35 -4.26 -10.14
CA THR F 130 -4.41 -4.58 -9.18
C THR F 130 -3.80 -5.29 -7.99
N ALA F 131 -3.74 -4.55 -6.88
CA ALA F 131 -3.18 -5.04 -5.63
C ALA F 131 -4.01 -6.18 -5.08
N GLY F 132 -3.34 -7.27 -4.72
CA GLY F 132 -4.03 -8.42 -4.18
C GLY F 132 -3.83 -9.62 -5.08
N LYS F 133 -3.91 -9.38 -6.39
CA LYS F 133 -3.73 -10.44 -7.34
C LYS F 133 -2.61 -10.12 -8.33
N ARG F 134 -1.74 -11.10 -8.56
CA ARG F 134 -0.62 -10.95 -9.47
C ARG F 134 -1.03 -11.21 -10.92
N TYR F 135 -0.27 -10.65 -11.85
CA TYR F 135 -0.54 -10.80 -13.28
C TYR F 135 -1.84 -10.13 -13.69
N VAL F 136 -2.23 -9.07 -12.97
CA VAL F 136 -3.46 -8.37 -13.28
C VAL F 136 -3.22 -6.87 -13.24
N TYR F 137 -3.38 -6.23 -14.38
CA TYR F 137 -3.19 -4.78 -14.48
C TYR F 137 -4.41 -4.09 -15.08
N ARG F 138 -4.41 -2.76 -15.08
CA ARG F 138 -5.51 -1.98 -15.63
C ARG F 138 -4.97 -0.82 -16.45
N PHE F 139 -5.78 -0.33 -17.39
CA PHE F 139 -5.40 0.81 -18.22
C PHE F 139 -5.99 2.07 -17.62
N VAL F 140 -5.24 2.69 -16.73
CA VAL F 140 -5.68 3.90 -16.06
C VAL F 140 -5.68 5.10 -17.01
N CYS F 141 -4.98 4.97 -18.14
CA CYS F 141 -4.93 6.07 -19.11
C CYS F 141 -6.23 6.15 -19.89
N ASP F 142 -6.54 7.32 -20.45
CA ASP F 142 -7.78 7.51 -21.19
C ASP F 142 -7.94 6.66 -22.45
N LEU F 143 -8.76 5.61 -22.35
CA LEU F 143 -9.01 4.73 -23.49
C LEU F 143 -10.35 5.07 -24.12
N GLN F 144 -10.95 6.13 -23.60
CA GLN F 144 -12.23 6.61 -24.10
C GLN F 144 -11.96 7.53 -25.28
N SER F 145 -11.43 8.73 -25.01
CA SER F 145 -11.14 9.70 -26.06
C SER F 145 -10.05 9.19 -27.00
N LEU F 146 -9.48 8.02 -26.69
CA LEU F 146 -8.43 7.41 -27.51
C LEU F 146 -8.81 6.01 -28.00
N LEU F 147 -10.02 5.89 -28.53
CA LEU F 147 -10.52 4.63 -29.06
C LEU F 147 -11.88 4.82 -29.72
N GLY F 148 -12.86 5.26 -28.93
CA GLY F 148 -14.19 5.48 -29.44
C GLY F 148 -15.18 4.41 -29.03
N TYR F 149 -14.65 3.31 -28.48
CA TYR F 149 -15.46 2.18 -28.04
C TYR F 149 -15.41 2.09 -26.52
N THR F 150 -16.50 2.49 -25.86
CA THR F 150 -16.55 2.47 -24.40
C THR F 150 -16.21 1.07 -23.87
N PRO F 151 -15.99 0.95 -22.54
CA PRO F 151 -15.65 -0.34 -21.93
C PRO F 151 -16.53 -1.53 -22.32
N GLU F 152 -17.70 -1.65 -21.68
CA GLU F 152 -18.60 -2.76 -21.98
C GLU F 152 -18.91 -2.87 -23.48
N GLU F 153 -19.01 -1.73 -24.17
CA GLU F 153 -19.30 -1.71 -25.60
C GLU F 153 -18.17 -2.33 -26.41
N LEU F 154 -16.95 -2.17 -25.93
CA LEU F 154 -15.79 -2.73 -26.61
C LEU F 154 -15.69 -4.21 -26.26
N HIS F 155 -16.31 -4.59 -25.13
CA HIS F 155 -16.31 -5.97 -24.67
C HIS F 155 -17.22 -6.80 -25.58
N ALA F 156 -17.93 -6.10 -26.46
CA ALA F 156 -18.84 -6.72 -27.43
C ALA F 156 -18.05 -7.24 -28.63
N MET F 157 -16.75 -7.45 -28.43
CA MET F 157 -15.90 -7.95 -29.49
C MET F 157 -15.18 -9.17 -28.95
N LEU F 158 -15.47 -9.50 -27.70
CA LEU F 158 -14.86 -10.64 -27.03
C LEU F 158 -15.40 -11.94 -27.62
#